data_5XK7
#
_entry.id   5XK7
#
_cell.length_a   67.924
_cell.length_b   120.653
_cell.length_c   126.327
_cell.angle_alpha   90.00
_cell.angle_beta   90.00
_cell.angle_gamma   90.00
#
_symmetry.space_group_name_H-M   'P 21 21 21'
#
loop_
_entity.id
_entity.type
_entity.pdbx_description
1 polymer 'Undecaprenyl diphosphate synthase'
2 non-polymer 'MAGNESIUM ION'
3 non-polymer 'PYROPHOSPHATE 2-'
4 non-polymer '2-(N-MORPHOLINO)-ETHANESULFONIC ACID'
5 non-polymer 'SULFATE ION'
6 non-polymer 'DIMETHYLALLYL DIPHOSPHATE'
7 water water
#
_entity_poly.entity_id   1
_entity_poly.type   'polypeptide(L)'
_entity_poly.pdbx_seq_one_letter_code
;MAHHHHHHVDDDDKMMTNLMLLPDGMRRWSQKQGISLDDSYAAMTDKLVEFTGWAREEGFTTFYVTVSSVANYSRSEEQV
TTAMNAFTEVVRRCHDTLNFNYSGTLEVVPERWLTELEALRAKSDSQSDFTLHFIMGMSLAHEVIGIFNKFNGKIPALTE
ELLAANAYVPEPVDFLIRPGGHVRMSSFYPLMSPFAEMYFCPTLLNDMTRADFDVALEDLRERDRRYGLYPV
;
_entity_poly.pdbx_strand_id   A,B,C,D
#
# COMPACT_ATOMS: atom_id res chain seq x y z
N MET A 15 -15.81 27.48 -4.12
CA MET A 15 -14.96 26.32 -3.89
C MET A 15 -15.30 25.69 -2.53
N MET A 16 -16.50 25.13 -2.43
CA MET A 16 -16.99 24.53 -1.21
C MET A 16 -17.03 23.00 -1.37
N THR A 17 -16.66 22.30 -0.29
CA THR A 17 -16.52 20.86 -0.32
C THR A 17 -17.28 20.23 0.84
N ASN A 18 -17.75 18.99 0.64
CA ASN A 18 -18.40 18.20 1.66
C ASN A 18 -17.66 16.88 1.83
N LEU A 19 -17.96 16.16 2.91
CA LEU A 19 -17.23 14.95 3.25
C LEU A 19 -18.18 13.88 3.76
N MET A 20 -17.95 12.62 3.37
CA MET A 20 -18.76 11.50 3.80
C MET A 20 -17.91 10.44 4.47
N LEU A 21 -18.39 9.91 5.60
CA LEU A 21 -17.70 8.88 6.36
C LEU A 21 -18.57 7.63 6.44
N LEU A 22 -17.96 6.47 6.21
CA LEU A 22 -18.57 5.16 6.29
C LEU A 22 -18.02 4.47 7.54
N PRO A 23 -18.71 4.56 8.67
CA PRO A 23 -18.19 3.95 9.91
C PRO A 23 -18.15 2.44 9.79
N ASP A 24 -17.06 1.85 10.25
CA ASP A 24 -16.89 0.42 10.17
C ASP A 24 -15.89 -0.03 11.22
N GLY A 25 -16.10 -1.23 11.75
CA GLY A 25 -15.13 -1.89 12.60
C GLY A 25 -15.44 -1.94 14.09
N MET A 26 -16.68 -1.71 14.52
CA MET A 26 -16.96 -1.63 15.94
C MET A 26 -16.84 -2.98 16.63
N ARG A 27 -17.36 -4.03 16.00
CA ARG A 27 -17.25 -5.37 16.59
C ARG A 27 -15.79 -5.83 16.65
N ARG A 28 -15.05 -5.68 15.53
CA ARG A 28 -13.63 -6.02 15.55
C ARG A 28 -12.87 -5.19 16.57
N TRP A 29 -13.26 -3.93 16.79
CA TRP A 29 -12.59 -3.13 17.80
C TRP A 29 -12.89 -3.63 19.19
N SER A 30 -14.14 -4.09 19.42
CA SER A 30 -14.46 -4.70 20.71
C SER A 30 -13.63 -5.95 20.94
N GLN A 31 -13.41 -6.75 19.90
CA GLN A 31 -12.58 -7.94 20.04
C GLN A 31 -11.11 -7.57 20.26
N LYS A 32 -10.63 -6.54 19.56
CA LYS A 32 -9.25 -6.11 19.72
C LYS A 32 -8.98 -5.58 21.12
N GLN A 33 -9.92 -4.81 21.68
CA GLN A 33 -9.73 -4.20 22.99
C GLN A 33 -10.18 -5.08 24.14
N GLY A 34 -10.81 -6.23 23.85
CA GLY A 34 -11.32 -7.08 24.91
C GLY A 34 -12.41 -6.44 25.74
N ILE A 35 -13.26 -5.65 25.10
CA ILE A 35 -14.35 -4.95 25.76
C ILE A 35 -15.67 -5.37 25.11
N SER A 36 -16.77 -4.98 25.76
CA SER A 36 -18.09 -5.29 25.26
C SER A 36 -18.37 -4.52 23.97
N LEU A 37 -19.38 -4.98 23.23
CA LEU A 37 -19.82 -4.23 22.06
C LEU A 37 -20.38 -2.88 22.47
N ASP A 38 -21.02 -2.79 23.64
CA ASP A 38 -21.54 -1.53 24.13
C ASP A 38 -20.41 -0.51 24.31
N ASP A 39 -19.30 -0.95 24.90
CA ASP A 39 -18.17 -0.05 25.12
C ASP A 39 -17.54 0.37 23.79
N SER A 40 -17.45 -0.55 22.83
CA SER A 40 -16.94 -0.21 21.51
C SER A 40 -17.83 0.84 20.85
N TYR A 41 -19.16 0.72 21.01
CA TYR A 41 -20.04 1.72 20.42
C TYR A 41 -19.98 3.04 21.16
N ALA A 42 -19.68 3.01 22.47
CA ALA A 42 -19.45 4.26 23.19
C ALA A 42 -18.20 4.97 22.66
N ALA A 43 -17.12 4.20 22.44
CA ALA A 43 -15.94 4.75 21.78
C ALA A 43 -16.29 5.29 20.40
N MET A 44 -17.18 4.60 19.68
CA MET A 44 -17.58 5.11 18.36
C MET A 44 -18.28 6.46 18.48
N THR A 45 -19.18 6.59 19.46
CA THR A 45 -19.84 7.88 19.68
C THR A 45 -18.82 8.98 19.92
N ASP A 46 -17.87 8.74 20.84
CA ASP A 46 -16.81 9.73 21.11
C ASP A 46 -16.05 10.07 19.82
N LYS A 47 -15.65 9.04 19.06
CA LYS A 47 -14.83 9.27 17.88
C LYS A 47 -15.60 10.02 16.80
N LEU A 48 -16.91 9.76 16.67
CA LEU A 48 -17.70 10.45 15.66
C LEU A 48 -17.90 11.91 16.03
N VAL A 49 -18.01 12.22 17.33
CA VAL A 49 -18.01 13.62 17.74
C VAL A 49 -16.69 14.29 17.36
N GLU A 50 -15.56 13.62 17.65
CA GLU A 50 -14.27 14.12 17.20
C GLU A 50 -14.25 14.38 15.70
N PHE A 51 -14.64 13.37 14.91
CA PHE A 51 -14.60 13.47 13.45
C PHE A 51 -15.45 14.63 12.96
N THR A 52 -16.63 14.82 13.56
CA THR A 52 -17.47 15.94 13.18
C THR A 52 -16.75 17.26 13.41
N GLY A 53 -16.09 17.39 14.57
CA GLY A 53 -15.30 18.59 14.82
C GLY A 53 -14.17 18.78 13.82
N TRP A 54 -13.47 17.70 13.49
CA TRP A 54 -12.39 17.78 12.50
C TRP A 54 -12.93 18.25 11.15
N ALA A 55 -14.04 17.65 10.70
CA ALA A 55 -14.63 18.04 9.44
C ALA A 55 -15.00 19.51 9.41
N ARG A 56 -15.57 20.02 10.51
CA ARG A 56 -15.89 21.44 10.55
C ARG A 56 -14.62 22.30 10.48
N GLU A 57 -13.59 21.93 11.25
CA GLU A 57 -12.34 22.70 11.22
C GLU A 57 -11.74 22.74 9.83
N GLU A 58 -11.89 21.67 9.06
CA GLU A 58 -11.32 21.60 7.73
C GLU A 58 -12.17 22.29 6.67
N GLY A 59 -13.23 22.99 7.08
CA GLY A 59 -13.98 23.80 6.15
C GLY A 59 -15.01 23.06 5.32
N PHE A 60 -15.29 21.79 5.61
CA PHE A 60 -16.33 21.09 4.89
C PHE A 60 -17.69 21.66 5.25
N THR A 61 -18.56 21.80 4.25
CA THR A 61 -19.87 22.40 4.46
C THR A 61 -20.86 21.40 5.07
N THR A 62 -20.83 20.15 4.63
CA THR A 62 -21.62 19.09 5.23
C THR A 62 -20.75 17.88 5.51
N PHE A 63 -20.96 17.28 6.68
CA PHE A 63 -20.36 16.01 7.06
C PHE A 63 -21.47 14.97 7.04
N TYR A 64 -21.43 14.08 6.06
CA TYR A 64 -22.37 12.97 5.92
C TYR A 64 -21.80 11.76 6.65
N VAL A 65 -22.63 11.11 7.45
CA VAL A 65 -22.27 9.86 8.12
C VAL A 65 -23.27 8.82 7.66
N THR A 66 -22.77 7.71 7.10
CA THR A 66 -23.67 6.64 6.69
C THR A 66 -23.94 5.77 7.92
N VAL A 67 -25.12 5.97 8.54
CA VAL A 67 -25.38 5.34 9.83
C VAL A 67 -25.61 3.84 9.67
N SER A 68 -26.33 3.44 8.62
CA SER A 68 -26.77 2.06 8.52
C SER A 68 -27.20 1.76 7.11
N SER A 69 -27.09 0.49 6.74
CA SER A 69 -27.71 -0.07 5.57
C SER A 69 -29.07 -0.66 5.95
N VAL A 70 -29.87 -0.98 4.94
CA VAL A 70 -31.08 -1.76 5.21
C VAL A 70 -30.71 -3.11 5.81
N ALA A 71 -29.62 -3.72 5.33
CA ALA A 71 -29.22 -5.04 5.81
C ALA A 71 -28.98 -5.05 7.32
N ASN A 72 -28.42 -3.95 7.86
CA ASN A 72 -28.13 -3.88 9.29
C ASN A 72 -29.34 -4.17 10.15
N TYR A 73 -30.53 -3.82 9.67
CA TYR A 73 -31.73 -3.98 10.49
C TYR A 73 -32.23 -5.42 10.53
N SER A 74 -31.49 -6.36 9.93
CA SER A 74 -31.75 -7.78 10.14
C SER A 74 -30.91 -8.35 11.28
N ARG A 75 -30.12 -7.51 11.93
CA ARG A 75 -29.47 -7.84 13.19
C ARG A 75 -30.53 -7.96 14.29
N SER A 76 -30.10 -8.44 15.46
CA SER A 76 -31.02 -8.58 16.58
C SER A 76 -31.47 -7.20 17.08
N GLU A 77 -32.65 -7.16 17.72
CA GLU A 77 -33.14 -5.90 18.25
C GLU A 77 -32.18 -5.28 19.24
N GLU A 78 -31.47 -6.11 20.02
CA GLU A 78 -30.53 -5.58 20.99
C GLU A 78 -29.37 -4.87 20.31
N GLN A 79 -28.80 -5.49 19.26
CA GLN A 79 -27.71 -4.87 18.54
C GLN A 79 -28.19 -3.61 17.81
N VAL A 80 -29.40 -3.66 17.23
CA VAL A 80 -29.95 -2.48 16.56
C VAL A 80 -30.11 -1.33 17.55
N THR A 81 -30.65 -1.62 18.74
CA THR A 81 -30.82 -0.58 19.74
C THR A 81 -29.48 -0.02 20.20
N THR A 82 -28.49 -0.89 20.42
CA THR A 82 -27.16 -0.43 20.82
C THR A 82 -26.56 0.51 19.79
N ALA A 83 -26.55 0.09 18.52
CA ALA A 83 -25.95 0.93 17.47
C ALA A 83 -26.72 2.23 17.31
N MET A 84 -28.04 2.14 17.15
CA MET A 84 -28.84 3.34 16.91
C MET A 84 -28.72 4.33 18.07
N ASN A 85 -28.67 3.83 19.31
CA ASN A 85 -28.48 4.73 20.44
C ASN A 85 -27.10 5.39 20.37
N ALA A 86 -26.08 4.62 20.01
CA ALA A 86 -24.73 5.18 19.93
C ALA A 86 -24.64 6.27 18.87
N PHE A 87 -25.25 6.06 17.70
CA PHE A 87 -25.25 7.12 16.68
C PHE A 87 -26.07 8.32 17.15
N THR A 88 -27.25 8.09 17.74
CA THR A 88 -28.08 9.20 18.18
C THR A 88 -27.37 10.05 19.23
N GLU A 89 -26.58 9.42 20.10
CA GLU A 89 -25.87 10.15 21.13
C GLU A 89 -24.91 11.20 20.56
N VAL A 90 -24.31 10.91 19.40
CA VAL A 90 -23.52 11.92 18.70
C VAL A 90 -24.34 13.19 18.52
N VAL A 91 -25.56 13.03 18.01
CA VAL A 91 -26.41 14.19 17.75
C VAL A 91 -26.84 14.84 19.06
N ARG A 92 -27.13 14.02 20.08
CA ARG A 92 -27.44 14.58 21.39
C ARG A 92 -26.35 15.51 21.87
N ARG A 93 -25.08 15.15 21.60
CA ARG A 93 -23.97 15.94 22.11
C ARG A 93 -23.66 17.17 21.28
N CYS A 94 -23.76 17.09 19.95
CA CYS A 94 -23.30 18.18 19.11
CA CYS A 94 -23.30 18.16 19.07
C CYS A 94 -24.42 19.01 18.47
N HIS A 95 -25.67 18.55 18.53
CA HIS A 95 -26.74 19.17 17.76
C HIS A 95 -26.93 20.66 18.06
N ASP A 96 -26.52 21.12 19.23
CA ASP A 96 -26.82 22.49 19.62
C ASP A 96 -26.02 23.53 18.84
N THR A 97 -24.87 23.15 18.27
CA THR A 97 -23.96 24.10 17.64
C THR A 97 -23.87 23.95 16.13
N LEU A 98 -24.68 23.06 15.53
CA LEU A 98 -24.64 22.86 14.09
C LEU A 98 -26.04 22.56 13.59
N ASN A 99 -26.16 22.46 12.27
CA ASN A 99 -27.41 22.09 11.63
C ASN A 99 -27.42 20.57 11.43
N PHE A 100 -28.46 19.92 11.92
CA PHE A 100 -28.59 18.48 11.79
C PHE A 100 -29.72 18.12 10.84
N ASN A 101 -29.48 17.15 9.97
CA ASN A 101 -30.50 16.62 9.08
C ASN A 101 -30.28 15.12 8.91
N TYR A 102 -31.28 14.45 8.37
CA TYR A 102 -31.19 13.01 8.17
C TYR A 102 -32.09 12.59 7.03
N SER A 103 -31.84 11.38 6.50
CA SER A 103 -32.57 10.86 5.34
C SER A 103 -32.30 9.37 5.24
N GLY A 104 -32.98 8.72 4.30
CA GLY A 104 -32.72 7.33 4.00
C GLY A 104 -34.01 6.53 3.92
N THR A 105 -33.88 5.21 4.08
CA THR A 105 -35.03 4.30 4.06
C THR A 105 -35.63 4.28 5.46
N LEU A 106 -36.41 5.32 5.76
CA LEU A 106 -36.84 5.55 7.13
C LEU A 106 -37.79 4.48 7.65
N GLU A 107 -38.52 3.79 6.76
CA GLU A 107 -39.50 2.82 7.23
C GLU A 107 -38.84 1.60 7.88
N VAL A 108 -37.55 1.37 7.65
CA VAL A 108 -36.88 0.25 8.32
C VAL A 108 -36.22 0.67 9.62
N VAL A 109 -36.16 1.95 9.92
CA VAL A 109 -35.58 2.42 11.18
C VAL A 109 -36.65 2.35 12.26
N PRO A 110 -36.38 1.76 13.42
CA PRO A 110 -37.38 1.74 14.49
C PRO A 110 -37.81 3.17 14.84
N GLU A 111 -39.12 3.35 14.99
CA GLU A 111 -39.70 4.69 15.04
C GLU A 111 -39.16 5.52 16.19
N ARG A 112 -38.76 4.89 17.30
CA ARG A 112 -38.24 5.64 18.44
C ARG A 112 -37.07 6.52 18.03
N TRP A 113 -36.17 5.98 17.21
CA TRP A 113 -35.00 6.76 16.80
C TRP A 113 -35.39 7.87 15.84
N LEU A 114 -36.39 7.63 14.98
CA LEU A 114 -36.87 8.68 14.10
C LEU A 114 -37.50 9.83 14.89
N THR A 115 -38.25 9.49 15.94
CA THR A 115 -38.85 10.53 16.79
C THR A 115 -37.75 11.35 17.48
N GLU A 116 -36.76 10.67 18.06
CA GLU A 116 -35.71 11.40 18.75
C GLU A 116 -34.88 12.24 17.79
N LEU A 117 -34.52 11.68 16.63
CA LEU A 117 -33.73 12.40 15.65
C LEU A 117 -34.51 13.57 15.06
N GLU A 118 -35.82 13.44 14.91
CA GLU A 118 -36.63 14.56 14.47
C GLU A 118 -36.62 15.69 15.51
N ALA A 119 -36.75 15.32 16.79
CA ALA A 119 -36.66 16.34 17.84
C ALA A 119 -35.28 17.02 17.84
N LEU A 120 -34.22 16.23 17.67
CA LEU A 120 -32.88 16.80 17.63
C LEU A 120 -32.69 17.71 16.42
N ARG A 121 -33.25 17.32 15.27
CA ARG A 121 -33.21 18.18 14.09
C ARG A 121 -33.92 19.50 14.36
N ALA A 122 -35.10 19.43 14.99
CA ALA A 122 -35.85 20.64 15.31
C ALA A 122 -35.06 21.55 16.25
N LYS A 123 -34.32 20.97 17.21
CA LYS A 123 -33.55 21.77 18.15
C LYS A 123 -32.16 22.16 17.64
N SER A 124 -31.76 21.71 16.46
CA SER A 124 -30.44 22.09 15.96
C SER A 124 -30.45 23.53 15.44
N ASP A 125 -29.24 24.05 15.17
CA ASP A 125 -29.06 25.42 14.70
C ASP A 125 -29.21 25.43 13.19
N SER A 126 -30.43 25.70 12.71
CA SER A 126 -30.67 25.72 11.27
C SER A 126 -29.94 26.86 10.57
N GLN A 127 -29.41 27.83 11.31
CA GLN A 127 -28.65 28.93 10.74
C GLN A 127 -27.16 28.60 10.62
N SER A 128 -26.72 27.45 11.11
CA SER A 128 -25.29 27.12 11.09
C SER A 128 -24.79 26.92 9.67
N ASP A 129 -23.54 27.32 9.43
CA ASP A 129 -22.88 27.09 8.16
C ASP A 129 -22.28 25.69 8.04
N PHE A 130 -22.49 24.83 9.04
CA PHE A 130 -21.99 23.47 9.03
C PHE A 130 -23.14 22.52 9.31
N THR A 131 -23.24 21.46 8.52
CA THR A 131 -24.31 20.47 8.65
C THR A 131 -23.73 19.10 8.97
N LEU A 132 -24.30 18.44 9.97
CA LEU A 132 -24.11 17.01 10.20
C LEU A 132 -25.35 16.30 9.66
N HIS A 133 -25.14 15.35 8.75
CA HIS A 133 -26.25 14.70 8.06
C HIS A 133 -26.12 13.17 8.15
N PHE A 134 -27.08 12.55 8.83
CA PHE A 134 -27.16 11.10 8.95
C PHE A 134 -27.96 10.51 7.79
N ILE A 135 -27.45 9.45 7.19
CA ILE A 135 -28.25 8.63 6.26
C ILE A 135 -28.42 7.25 6.87
N MET A 136 -29.67 6.80 6.97
CA MET A 136 -30.01 5.54 7.60
C MET A 136 -30.72 4.63 6.62
N GLY A 137 -30.50 3.33 6.77
CA GLY A 137 -31.09 2.37 5.84
C GLY A 137 -30.67 2.60 4.40
N MET A 138 -29.38 2.83 4.18
CA MET A 138 -28.87 3.04 2.83
C MET A 138 -28.96 1.74 2.03
N SER A 139 -29.40 1.88 0.78
CA SER A 139 -29.51 0.78 -0.18
C SER A 139 -30.05 1.37 -1.47
N LEU A 140 -29.25 1.32 -2.54
CA LEU A 140 -29.65 1.94 -3.80
C LEU A 140 -30.96 1.35 -4.31
N ALA A 141 -31.13 0.02 -4.19
CA ALA A 141 -32.38 -0.59 -4.66
C ALA A 141 -33.57 0.00 -3.91
N HIS A 142 -33.47 0.08 -2.58
CA HIS A 142 -34.56 0.65 -1.80
C HIS A 142 -34.75 2.13 -2.11
N GLU A 143 -33.66 2.87 -2.30
CA GLU A 143 -33.75 4.28 -2.64
C GLU A 143 -34.53 4.48 -3.95
N VAL A 144 -34.14 3.72 -4.98
CA VAL A 144 -34.78 3.86 -6.28
C VAL A 144 -36.23 3.43 -6.23
N ILE A 145 -36.52 2.33 -5.54
CA ILE A 145 -37.90 1.87 -5.41
C ILE A 145 -38.74 2.92 -4.68
N GLY A 146 -38.17 3.53 -3.64
CA GLY A 146 -38.92 4.56 -2.92
C GLY A 146 -39.24 5.76 -3.79
N ILE A 147 -38.28 6.23 -4.58
CA ILE A 147 -38.54 7.37 -5.45
C ILE A 147 -39.57 7.01 -6.51
N PHE A 148 -39.41 5.84 -7.14
CA PHE A 148 -40.40 5.40 -8.12
C PHE A 148 -41.80 5.38 -7.51
N ASN A 149 -41.96 4.66 -6.40
CA ASN A 149 -43.28 4.52 -5.79
C ASN A 149 -43.84 5.87 -5.37
N LYS A 150 -42.99 6.82 -4.98
CA LYS A 150 -43.48 8.15 -4.66
C LYS A 150 -44.08 8.82 -5.89
N PHE A 151 -43.39 8.76 -7.04
CA PHE A 151 -43.84 9.53 -8.19
C PHE A 151 -44.64 8.70 -9.21
N ASN A 152 -44.83 7.40 -8.98
CA ASN A 152 -45.52 6.52 -9.92
C ASN A 152 -46.89 7.07 -10.31
N GLY A 153 -47.09 7.32 -11.60
CA GLY A 153 -48.36 7.80 -12.09
C GLY A 153 -48.70 9.23 -11.77
N LYS A 154 -47.80 9.99 -11.14
CA LYS A 154 -48.07 11.35 -10.72
C LYS A 154 -47.31 12.40 -11.49
N ILE A 155 -46.35 12.00 -12.32
CA ILE A 155 -45.60 12.92 -13.17
C ILE A 155 -45.49 12.31 -14.56
N PRO A 156 -45.31 13.15 -15.58
CA PRO A 156 -45.16 12.61 -16.94
C PRO A 156 -43.82 11.93 -17.17
N ALA A 157 -42.77 12.35 -16.45
CA ALA A 157 -41.44 11.77 -16.62
C ALA A 157 -40.58 12.22 -15.44
N LEU A 158 -39.63 11.37 -15.07
CA LEU A 158 -38.66 11.73 -14.06
C LEU A 158 -37.55 12.57 -14.68
N THR A 159 -37.22 13.67 -14.04
CA THR A 159 -36.15 14.55 -14.47
C THR A 159 -34.95 14.44 -13.53
N GLU A 160 -33.80 14.93 -14.01
CA GLU A 160 -32.64 15.01 -13.15
C GLU A 160 -32.89 15.87 -11.91
N GLU A 161 -33.66 16.96 -12.08
CA GLU A 161 -33.93 17.84 -10.94
C GLU A 161 -34.73 17.12 -9.87
N LEU A 162 -35.79 16.41 -10.26
CA LEU A 162 -36.60 15.70 -9.28
C LEU A 162 -35.81 14.59 -8.60
N LEU A 163 -35.07 13.82 -9.39
CA LEU A 163 -34.26 12.74 -8.81
C LEU A 163 -33.26 13.30 -7.81
N ALA A 164 -32.53 14.35 -8.20
CA ALA A 164 -31.57 14.96 -7.29
C ALA A 164 -32.23 15.49 -6.04
N ALA A 165 -33.44 16.06 -6.18
CA ALA A 165 -34.15 16.60 -5.03
C ALA A 165 -34.77 15.53 -4.14
N ASN A 166 -34.81 14.27 -4.59
CA ASN A 166 -35.37 13.21 -3.76
C ASN A 166 -34.39 12.11 -3.39
N ALA A 167 -33.14 12.19 -3.85
CA ALA A 167 -32.13 11.23 -3.42
C ALA A 167 -31.84 11.39 -1.92
N TYR A 168 -31.39 10.29 -1.30
CA TYR A 168 -31.07 10.32 0.12
C TYR A 168 -30.02 11.38 0.43
N VAL A 169 -28.92 11.38 -0.32
CA VAL A 169 -27.88 12.38 -0.18
C VAL A 169 -28.23 13.56 -1.09
N PRO A 170 -28.49 14.76 -0.55
CA PRO A 170 -29.10 15.83 -1.34
C PRO A 170 -28.13 16.60 -2.24
N GLU A 171 -26.87 16.19 -2.35
CA GLU A 171 -25.95 16.85 -3.26
C GLU A 171 -24.86 15.84 -3.63
N PRO A 172 -24.08 16.12 -4.68
CA PRO A 172 -22.93 15.27 -4.96
C PRO A 172 -21.90 15.36 -3.84
N VAL A 173 -21.31 14.21 -3.51
CA VAL A 173 -20.30 14.10 -2.46
C VAL A 173 -18.92 14.25 -3.09
N ASP A 174 -18.09 15.13 -2.50
CA ASP A 174 -16.73 15.33 -2.97
C ASP A 174 -15.79 14.22 -2.53
N PHE A 175 -15.69 13.99 -1.22
CA PHE A 175 -14.75 13.06 -0.63
C PHE A 175 -15.51 12.06 0.22
N LEU A 176 -15.08 10.80 0.15
CA LEU A 176 -15.65 9.72 0.93
C LEU A 176 -14.51 8.92 1.55
N ILE A 177 -14.61 8.65 2.84
CA ILE A 177 -13.58 7.91 3.58
C ILE A 177 -14.21 6.68 4.20
N ARG A 178 -13.61 5.52 3.96
CA ARG A 178 -14.03 4.28 4.61
C ARG A 178 -12.86 3.66 5.34
N PRO A 179 -12.80 3.80 6.66
CA PRO A 179 -11.83 3.05 7.45
C PRO A 179 -12.29 1.61 7.63
N GLY A 180 -11.48 0.82 8.33
CA GLY A 180 -11.87 -0.53 8.69
C GLY A 180 -11.37 -1.62 7.78
N GLY A 181 -10.62 -1.29 6.73
CA GLY A 181 -9.91 -2.30 5.97
C GLY A 181 -10.67 -2.94 4.82
N HIS A 182 -11.93 -2.63 4.61
CA HIS A 182 -12.68 -3.22 3.51
C HIS A 182 -12.65 -2.26 2.33
N VAL A 183 -12.24 -2.75 1.17
CA VAL A 183 -12.20 -1.92 -0.02
C VAL A 183 -13.42 -2.26 -0.86
N ARG A 184 -14.54 -1.64 -0.50
CA ARG A 184 -15.83 -1.90 -1.13
C ARG A 184 -16.76 -0.81 -0.61
N MET A 185 -17.87 -0.63 -1.31
CA MET A 185 -18.83 0.40 -0.93
C MET A 185 -20.05 -0.16 -0.19
N SER A 186 -20.25 -1.48 -0.23
CA SER A 186 -21.39 -2.09 0.45
C SER A 186 -22.66 -1.40 -0.07
N SER A 187 -23.62 -1.10 0.82
CA SER A 187 -24.85 -0.46 0.41
C SER A 187 -24.77 1.06 0.43
N PHE A 188 -23.57 1.65 0.44
CA PHE A 188 -23.44 3.05 0.84
C PHE A 188 -23.02 3.99 -0.30
N TYR A 189 -23.01 3.54 -1.55
CA TYR A 189 -22.58 4.44 -2.62
C TYR A 189 -23.61 5.54 -2.81
N PRO A 190 -23.21 6.81 -2.88
CA PRO A 190 -24.19 7.91 -2.98
C PRO A 190 -24.69 8.03 -4.42
N LEU A 191 -26.02 7.98 -4.58
CA LEU A 191 -26.63 7.85 -5.91
C LEU A 191 -26.16 8.94 -6.87
N MET A 192 -26.15 10.19 -6.42
CA MET A 192 -25.91 11.34 -7.31
C MET A 192 -24.47 11.85 -7.22
N SER A 193 -23.50 10.97 -6.96
CA SER A 193 -22.09 11.35 -6.82
C SER A 193 -21.24 10.57 -7.82
N PRO A 194 -21.41 10.80 -9.12
CA PRO A 194 -20.64 9.99 -10.09
C PRO A 194 -19.14 10.12 -9.95
N PHE A 195 -18.64 11.29 -9.50
CA PHE A 195 -17.21 11.58 -9.43
C PHE A 195 -16.71 11.79 -8.00
N ALA A 196 -17.40 11.23 -7.02
CA ALA A 196 -16.89 11.28 -5.66
C ALA A 196 -15.54 10.59 -5.60
N GLU A 197 -14.62 11.18 -4.83
CA GLU A 197 -13.32 10.57 -4.60
C GLU A 197 -13.39 9.66 -3.38
N MET A 198 -12.87 8.45 -3.51
CA MET A 198 -12.96 7.45 -2.45
C MET A 198 -11.58 7.21 -1.84
N TYR A 199 -11.55 7.05 -0.52
CA TYR A 199 -10.31 6.80 0.22
C TYR A 199 -10.59 5.69 1.22
N PHE A 200 -9.81 4.62 1.15
CA PHE A 200 -9.95 3.48 2.04
C PHE A 200 -8.69 3.38 2.89
N CYS A 201 -8.84 3.00 4.15
CA CYS A 201 -7.68 2.75 4.97
C CYS A 201 -7.95 1.60 5.94
N PRO A 202 -6.91 0.85 6.31
CA PRO A 202 -7.14 -0.33 7.17
C PRO A 202 -7.44 0.02 8.62
N THR A 203 -7.06 1.20 9.09
CA THR A 203 -7.29 1.57 10.48
C THR A 203 -8.77 1.49 10.82
N LEU A 204 -9.09 0.81 11.93
CA LEU A 204 -10.45 0.80 12.44
C LEU A 204 -10.87 2.22 12.83
N LEU A 205 -12.16 2.51 12.66
CA LEU A 205 -12.66 3.85 12.95
C LEU A 205 -12.29 4.29 14.36
N ASN A 206 -12.49 3.42 15.34
CA ASN A 206 -12.23 3.81 16.73
C ASN A 206 -10.75 4.03 17.01
N ASP A 207 -9.86 3.65 16.08
CA ASP A 207 -8.44 3.92 16.21
C ASP A 207 -7.98 5.12 15.40
N MET A 208 -8.86 5.72 14.58
CA MET A 208 -8.47 6.85 13.74
CA MET A 208 -8.44 6.84 13.74
C MET A 208 -8.13 8.07 14.58
N THR A 209 -6.97 8.68 14.30
CA THR A 209 -6.54 9.91 14.95
C THR A 209 -6.72 11.09 14.00
N ARG A 210 -6.52 12.29 14.53
CA ARG A 210 -6.53 13.47 13.67
C ARG A 210 -5.46 13.37 12.59
N ALA A 211 -4.31 12.77 12.90
CA ALA A 211 -3.28 12.60 11.89
C ALA A 211 -3.75 11.69 10.76
N ASP A 212 -4.44 10.59 11.08
CA ASP A 212 -4.99 9.73 10.05
C ASP A 212 -5.93 10.49 9.14
N PHE A 213 -6.79 11.33 9.73
CA PHE A 213 -7.70 12.15 8.95
C PHE A 213 -6.95 13.14 8.07
N ASP A 214 -5.94 13.81 8.62
CA ASP A 214 -5.18 14.79 7.85
C ASP A 214 -4.47 14.12 6.67
N VAL A 215 -3.89 12.93 6.88
CA VAL A 215 -3.21 12.24 5.79
C VAL A 215 -4.22 11.82 4.73
N ALA A 216 -5.38 11.32 5.15
CA ALA A 216 -6.46 11.08 4.19
C ALA A 216 -6.76 12.33 3.37
N LEU A 217 -6.82 13.49 4.03
CA LEU A 217 -7.14 14.73 3.31
C LEU A 217 -6.02 15.14 2.36
N GLU A 218 -4.76 14.90 2.73
CA GLU A 218 -3.67 15.15 1.79
C GLU A 218 -3.87 14.33 0.52
N ASP A 219 -4.13 13.03 0.72
CA ASP A 219 -4.38 12.11 -0.40
C ASP A 219 -5.54 12.61 -1.27
N LEU A 220 -6.69 12.87 -0.64
CA LEU A 220 -7.89 13.25 -1.38
C LEU A 220 -7.72 14.57 -2.10
N ARG A 221 -7.14 15.57 -1.43
CA ARG A 221 -7.01 16.90 -2.01
C ARG A 221 -5.95 16.97 -3.10
N GLU A 222 -4.99 16.03 -3.11
CA GLU A 222 -3.97 16.04 -4.16
C GLU A 222 -4.48 15.50 -5.50
N ARG A 223 -5.60 14.79 -5.51
CA ARG A 223 -6.03 14.12 -6.73
C ARG A 223 -6.55 15.09 -7.79
N ASP A 224 -6.25 14.77 -9.05
CA ASP A 224 -6.73 15.55 -10.19
C ASP A 224 -8.12 15.05 -10.56
N ARG A 225 -9.13 15.90 -10.37
CA ARG A 225 -10.50 15.57 -10.70
C ARG A 225 -10.78 16.03 -12.13
N ARG A 226 -11.16 15.08 -13.00
CA ARG A 226 -11.37 15.39 -14.42
C ARG A 226 -12.81 15.24 -14.88
N TYR A 227 -13.67 14.55 -14.12
CA TYR A 227 -15.11 14.49 -14.40
C TYR A 227 -15.39 13.90 -15.79
N GLY A 228 -14.58 12.94 -16.21
CA GLY A 228 -14.78 12.27 -17.48
C GLY A 228 -14.25 12.99 -18.71
N LEU A 229 -13.61 14.15 -18.53
CA LEU A 229 -13.08 14.93 -19.64
C LEU A 229 -11.57 14.97 -19.58
N TYR A 230 -10.95 15.41 -20.68
CA TYR A 230 -9.51 15.57 -20.69
C TYR A 230 -9.12 16.98 -20.29
N PRO A 231 -7.91 17.17 -19.74
CA PRO A 231 -7.41 18.51 -19.42
C PRO A 231 -7.21 19.37 -20.65
N MET B 15 -23.24 -21.50 -13.32
CA MET B 15 -23.26 -20.78 -12.04
C MET B 15 -22.39 -19.53 -12.16
N MET B 16 -23.01 -18.38 -11.98
CA MET B 16 -22.39 -17.13 -12.41
C MET B 16 -21.27 -16.68 -11.47
N THR B 17 -20.25 -16.07 -12.07
CA THR B 17 -19.17 -15.41 -11.35
C THR B 17 -18.61 -14.38 -12.31
N ASN B 18 -18.73 -13.10 -11.97
CA ASN B 18 -18.45 -12.09 -12.97
C ASN B 18 -17.33 -11.16 -12.52
N LEU B 19 -16.82 -10.41 -13.49
CA LEU B 19 -15.71 -9.51 -13.29
C LEU B 19 -16.02 -8.26 -14.10
N MET B 20 -15.87 -7.11 -13.47
CA MET B 20 -16.08 -5.82 -14.12
CA MET B 20 -16.08 -5.82 -14.11
C MET B 20 -14.76 -5.07 -14.12
N LEU B 21 -14.37 -4.58 -15.28
CA LEU B 21 -13.13 -3.82 -15.45
C LEU B 21 -13.48 -2.41 -15.88
N LEU B 22 -12.83 -1.42 -15.27
CA LEU B 22 -12.95 -0.01 -15.60
C LEU B 22 -11.65 0.42 -16.26
N PRO B 23 -11.55 0.36 -17.59
CA PRO B 23 -10.28 0.69 -18.26
C PRO B 23 -9.94 2.16 -18.08
N ASP B 24 -8.69 2.44 -17.72
CA ASP B 24 -8.31 3.82 -17.48
C ASP B 24 -6.81 4.01 -17.70
N GLY B 25 -6.45 5.19 -18.18
CA GLY B 25 -5.07 5.60 -18.31
C GLY B 25 -4.51 5.68 -19.73
N MET B 26 -5.37 5.76 -20.75
CA MET B 26 -4.89 5.72 -22.13
C MET B 26 -4.17 7.01 -22.53
N ARG B 27 -4.70 8.17 -22.12
CA ARG B 27 -4.05 9.45 -22.43
C ARG B 27 -2.68 9.53 -21.76
N ARG B 28 -2.64 9.24 -20.47
CA ARG B 28 -1.38 9.24 -19.74
C ARG B 28 -0.39 8.24 -20.32
N TRP B 29 -0.88 7.11 -20.82
CA TRP B 29 0.02 6.14 -21.44
C TRP B 29 0.55 6.68 -22.78
N SER B 30 -0.28 7.38 -23.53
CA SER B 30 0.21 8.00 -24.76
C SER B 30 1.32 8.99 -24.45
N GLN B 31 1.17 9.75 -23.35
CA GLN B 31 2.22 10.69 -22.96
C GLN B 31 3.47 9.96 -22.47
N LYS B 32 3.29 8.86 -21.72
CA LYS B 32 4.42 8.09 -21.21
C LYS B 32 5.24 7.51 -22.35
N GLN B 33 4.58 7.00 -23.40
CA GLN B 33 5.27 6.36 -24.51
C GLN B 33 5.65 7.33 -25.61
N GLY B 34 5.22 8.58 -25.54
CA GLY B 34 5.50 9.52 -26.61
C GLY B 34 4.82 9.14 -27.91
N ILE B 35 3.60 8.62 -27.84
CA ILE B 35 2.86 8.19 -29.01
C ILE B 35 1.52 8.94 -29.03
N SER B 36 0.84 8.82 -30.16
CA SER B 36 -0.45 9.47 -30.31
C SER B 36 -1.49 8.80 -29.40
N LEU B 37 -2.60 9.51 -29.19
CA LEU B 37 -3.72 8.91 -28.46
C LEU B 37 -4.26 7.70 -29.20
N ASP B 38 -4.27 7.76 -30.54
CA ASP B 38 -4.74 6.63 -31.33
C ASP B 38 -3.90 5.39 -31.09
N ASP B 39 -2.58 5.55 -31.03
CA ASP B 39 -1.71 4.39 -30.80
C ASP B 39 -1.93 3.83 -29.40
N SER B 40 -2.10 4.71 -28.41
CA SER B 40 -2.37 4.25 -27.05
C SER B 40 -3.68 3.47 -26.98
N TYR B 41 -4.71 3.93 -27.70
CA TYR B 41 -5.98 3.21 -27.71
C TYR B 41 -5.90 1.91 -28.50
N ALA B 42 -5.01 1.83 -29.50
CA ALA B 42 -4.77 0.55 -30.15
C ALA B 42 -4.13 -0.44 -29.18
N ALA B 43 -3.14 0.03 -28.41
CA ALA B 43 -2.61 -0.80 -27.32
C ALA B 43 -3.72 -1.20 -26.36
N MET B 44 -4.68 -0.32 -26.11
CA MET B 44 -5.80 -0.68 -25.25
C MET B 44 -6.61 -1.81 -25.86
N THR B 45 -6.85 -1.76 -27.18
CA THR B 45 -7.57 -2.85 -27.84
C THR B 45 -6.85 -4.18 -27.62
N ASP B 46 -5.54 -4.22 -27.91
CA ASP B 46 -4.76 -5.44 -27.68
C ASP B 46 -4.87 -5.91 -26.24
N LYS B 47 -4.70 -4.99 -25.28
CA LYS B 47 -4.70 -5.36 -23.87
C LYS B 47 -6.08 -5.87 -23.44
N LEU B 48 -7.14 -5.32 -23.99
CA LEU B 48 -8.49 -5.75 -23.63
C LEU B 48 -8.81 -7.12 -24.22
N VAL B 49 -8.30 -7.43 -25.42
CA VAL B 49 -8.43 -8.80 -25.92
C VAL B 49 -7.72 -9.77 -25.00
N GLU B 50 -6.48 -9.43 -24.61
CA GLU B 50 -5.76 -10.23 -23.61
C GLU B 50 -6.58 -10.42 -22.35
N PHE B 51 -7.07 -9.31 -21.79
CA PHE B 51 -7.82 -9.31 -20.54
C PHE B 51 -9.06 -10.19 -20.65
N THR B 52 -9.75 -10.11 -21.78
CA THR B 52 -10.91 -10.95 -22.01
C THR B 52 -10.51 -12.42 -21.96
N GLY B 53 -9.39 -12.78 -22.59
CA GLY B 53 -8.89 -14.14 -22.50
C GLY B 53 -8.55 -14.56 -21.08
N TRP B 54 -7.90 -13.67 -20.33
CA TRP B 54 -7.57 -13.97 -18.93
C TRP B 54 -8.83 -14.23 -18.12
N ALA B 55 -9.82 -13.35 -18.26
CA ALA B 55 -11.07 -13.51 -17.53
C ALA B 55 -11.72 -14.84 -17.88
N ARG B 56 -11.72 -15.21 -19.16
CA ARG B 56 -12.30 -16.49 -19.55
C ARG B 56 -11.54 -17.66 -18.93
N GLU B 57 -10.20 -17.61 -18.98
CA GLU B 57 -9.39 -18.67 -18.37
C GLU B 57 -9.65 -18.80 -16.88
N GLU B 58 -9.95 -17.69 -16.20
CA GLU B 58 -10.21 -17.71 -14.77
C GLU B 58 -11.63 -18.12 -14.43
N GLY B 59 -12.42 -18.53 -15.42
CA GLY B 59 -13.72 -19.09 -15.13
C GLY B 59 -14.83 -18.09 -14.91
N PHE B 60 -14.61 -16.81 -15.17
CA PHE B 60 -15.69 -15.84 -15.07
C PHE B 60 -16.73 -16.12 -16.15
N THR B 61 -18.00 -16.02 -15.79
CA THR B 61 -19.07 -16.30 -16.75
C THR B 61 -19.37 -15.09 -17.61
N THR B 62 -19.31 -13.90 -17.04
CA THR B 62 -19.42 -12.64 -17.79
C THR B 62 -18.28 -11.73 -17.38
N PHE B 63 -17.69 -11.09 -18.38
CA PHE B 63 -16.68 -10.05 -18.21
C PHE B 63 -17.31 -8.74 -18.63
N TYR B 64 -17.56 -7.85 -17.67
CA TYR B 64 -18.13 -6.54 -17.95
C TYR B 64 -17.03 -5.53 -18.18
N VAL B 65 -17.14 -4.76 -19.27
CA VAL B 65 -16.21 -3.68 -19.56
C VAL B 65 -17.00 -2.40 -19.67
N THR B 66 -16.61 -1.40 -18.87
CA THR B 66 -17.23 -0.08 -18.90
C THR B 66 -16.60 0.72 -20.03
N VAL B 67 -17.34 0.88 -21.13
CA VAL B 67 -16.83 1.54 -22.31
C VAL B 67 -16.78 3.05 -22.13
N SER B 68 -17.81 3.61 -21.50
CA SER B 68 -17.98 5.05 -21.50
C SER B 68 -19.01 5.46 -20.45
N SER B 69 -18.80 6.65 -19.90
CA SER B 69 -19.82 7.34 -19.14
C SER B 69 -20.58 8.30 -20.04
N VAL B 70 -21.70 8.83 -19.52
CA VAL B 70 -22.34 9.92 -20.23
C VAL B 70 -21.38 11.11 -20.32
N ALA B 71 -20.63 11.37 -19.25
CA ALA B 71 -19.69 12.49 -19.24
C ALA B 71 -18.64 12.35 -20.33
N ASN B 72 -18.17 11.11 -20.58
CA ASN B 72 -17.15 10.89 -21.59
C ASN B 72 -17.58 11.40 -22.96
N TYR B 73 -18.88 11.38 -23.26
CA TYR B 73 -19.33 11.81 -24.57
C TYR B 73 -19.36 13.32 -24.74
N SER B 74 -18.92 14.06 -23.71
CA SER B 74 -18.60 15.47 -23.85
C SER B 74 -17.10 15.71 -24.07
N ARG B 75 -16.30 14.65 -24.21
CA ARG B 75 -14.97 14.83 -24.75
C ARG B 75 -15.09 15.24 -26.22
N SER B 76 -13.96 15.61 -26.83
CA SER B 76 -14.02 16.07 -28.21
C SER B 76 -14.46 14.93 -29.13
N GLU B 77 -15.04 15.29 -30.28
CA GLU B 77 -15.52 14.26 -31.20
C GLU B 77 -14.39 13.32 -31.62
N GLU B 78 -13.17 13.87 -31.76
CA GLU B 78 -12.03 13.04 -32.14
C GLU B 78 -11.67 12.05 -31.04
N GLN B 79 -11.65 12.50 -29.78
CA GLN B 79 -11.34 11.59 -28.67
C GLN B 79 -12.44 10.54 -28.52
N VAL B 80 -13.69 10.95 -28.70
CA VAL B 80 -14.81 10.01 -28.65
C VAL B 80 -14.67 8.96 -29.74
N THR B 81 -14.34 9.38 -30.96
CA THR B 81 -14.20 8.43 -32.06
C THR B 81 -13.03 7.48 -31.82
N THR B 82 -11.91 8.01 -31.33
CA THR B 82 -10.75 7.17 -31.03
C THR B 82 -11.12 6.09 -30.02
N ALA B 83 -11.74 6.49 -28.91
CA ALA B 83 -12.09 5.54 -27.86
C ALA B 83 -13.11 4.52 -28.38
N MET B 84 -14.21 5.01 -28.97
CA MET B 84 -15.28 4.12 -29.40
C MET B 84 -14.80 3.13 -30.46
N ASN B 85 -13.94 3.57 -31.38
CA ASN B 85 -13.40 2.64 -32.35
C ASN B 85 -12.50 1.59 -31.69
N ALA B 86 -11.67 2.00 -30.72
CA ALA B 86 -10.81 1.01 -30.08
C ALA B 86 -11.63 -0.06 -29.34
N PHE B 87 -12.65 0.37 -28.60
CA PHE B 87 -13.53 -0.57 -27.91
C PHE B 87 -14.26 -1.47 -28.88
N THR B 88 -14.83 -0.88 -29.94
CA THR B 88 -15.55 -1.69 -30.92
C THR B 88 -14.62 -2.71 -31.58
N GLU B 89 -13.36 -2.32 -31.82
CA GLU B 89 -12.40 -3.23 -32.42
C GLU B 89 -12.19 -4.46 -31.55
N VAL B 90 -12.25 -4.31 -30.22
CA VAL B 90 -12.23 -5.50 -29.36
C VAL B 90 -13.29 -6.52 -29.81
N VAL B 91 -14.53 -6.04 -30.00
CA VAL B 91 -15.63 -6.92 -30.37
C VAL B 91 -15.45 -7.44 -31.79
N ARG B 92 -14.95 -6.60 -32.69
CA ARG B 92 -14.65 -7.06 -34.05
C ARG B 92 -13.73 -8.27 -34.00
N ARG B 93 -12.78 -8.28 -33.06
CA ARG B 93 -11.82 -9.37 -33.00
C ARG B 93 -12.34 -10.60 -32.28
N CYS B 94 -13.24 -10.46 -31.29
CA CYS B 94 -13.64 -11.58 -30.43
CA CYS B 94 -13.61 -11.64 -30.50
C CYS B 94 -15.05 -12.09 -30.64
N HIS B 95 -15.88 -11.39 -31.45
CA HIS B 95 -17.31 -11.70 -31.47
C HIS B 95 -17.62 -13.13 -31.90
N ASP B 96 -16.75 -13.75 -32.72
CA ASP B 96 -17.05 -15.08 -33.23
C ASP B 96 -16.87 -16.17 -32.18
N THR B 97 -16.10 -15.92 -31.13
CA THR B 97 -15.73 -16.97 -30.18
C THR B 97 -16.36 -16.81 -28.80
N LEU B 98 -17.22 -15.81 -28.60
CA LEU B 98 -17.89 -15.62 -27.32
C LEU B 98 -19.26 -15.02 -27.57
N ASN B 99 -20.03 -14.85 -26.49
CA ASN B 99 -21.31 -14.17 -26.55
C ASN B 99 -21.11 -12.69 -26.20
N PHE B 100 -21.56 -11.80 -27.09
CA PHE B 100 -21.40 -10.38 -26.87
C PHE B 100 -22.76 -9.73 -26.60
N ASN B 101 -22.79 -8.85 -25.60
CA ASN B 101 -23.99 -8.08 -25.31
C ASN B 101 -23.57 -6.70 -24.87
N TYR B 102 -24.54 -5.78 -24.83
CA TYR B 102 -24.23 -4.42 -24.44
C TYR B 102 -25.49 -3.78 -23.87
N SER B 103 -25.30 -2.66 -23.17
CA SER B 103 -26.39 -1.96 -22.52
C SER B 103 -25.91 -0.56 -22.17
N GLY B 104 -26.83 0.26 -21.66
CA GLY B 104 -26.49 1.55 -21.12
C GLY B 104 -27.41 2.64 -21.64
N THR B 105 -26.93 3.88 -21.53
CA THR B 105 -27.67 5.05 -22.03
C THR B 105 -27.40 5.15 -23.52
N LEU B 106 -28.12 4.34 -24.29
CA LEU B 106 -27.78 4.17 -25.70
C LEU B 106 -28.03 5.44 -26.52
N GLU B 107 -28.89 6.33 -26.03
CA GLU B 107 -29.21 7.53 -26.80
C GLU B 107 -28.07 8.54 -26.83
N VAL B 108 -27.06 8.42 -25.96
CA VAL B 108 -25.91 9.30 -26.02
C VAL B 108 -24.75 8.71 -26.82
N VAL B 109 -24.85 7.46 -27.25
CA VAL B 109 -23.81 6.85 -28.07
C VAL B 109 -24.02 7.24 -29.53
N PRO B 110 -23.00 7.73 -30.22
CA PRO B 110 -23.15 8.05 -31.64
C PRO B 110 -23.62 6.85 -32.46
N GLU B 111 -24.50 7.14 -33.43
CA GLU B 111 -25.23 6.10 -34.14
C GLU B 111 -24.32 5.08 -34.81
N ARG B 112 -23.19 5.54 -35.38
CA ARG B 112 -22.28 4.64 -36.08
CA ARG B 112 -22.30 4.63 -36.09
C ARG B 112 -21.89 3.45 -35.21
N TRP B 113 -21.46 3.73 -33.98
CA TRP B 113 -21.00 2.68 -33.10
C TRP B 113 -22.16 1.78 -32.64
N LEU B 114 -23.33 2.35 -32.38
CA LEU B 114 -24.46 1.52 -31.98
C LEU B 114 -24.86 0.56 -33.09
N THR B 115 -24.84 1.03 -34.35
CA THR B 115 -25.17 0.16 -35.45
C THR B 115 -24.16 -0.98 -35.57
N GLU B 116 -22.87 -0.66 -35.51
CA GLU B 116 -21.88 -1.72 -35.66
C GLU B 116 -21.93 -2.70 -34.49
N LEU B 117 -22.06 -2.19 -33.26
CA LEU B 117 -22.10 -3.05 -32.09
C LEU B 117 -23.37 -3.90 -32.05
N GLU B 118 -24.49 -3.38 -32.54
CA GLU B 118 -25.69 -4.20 -32.64
C GLU B 118 -25.51 -5.32 -33.64
N ALA B 119 -24.91 -5.03 -34.80
CA ALA B 119 -24.63 -6.08 -35.77
C ALA B 119 -23.70 -7.15 -35.19
N LEU B 120 -22.65 -6.72 -34.48
CA LEU B 120 -21.73 -7.67 -33.88
C LEU B 120 -22.39 -8.50 -32.79
N ARG B 121 -23.27 -7.88 -32.00
CA ARG B 121 -24.04 -8.63 -31.02
C ARG B 121 -24.85 -9.73 -31.72
N ALA B 122 -25.50 -9.36 -32.84
CA ALA B 122 -26.28 -10.33 -33.60
C ALA B 122 -25.41 -11.47 -34.14
N LYS B 123 -24.18 -11.17 -34.56
CA LYS B 123 -23.33 -12.21 -35.13
C LYS B 123 -22.55 -13.00 -34.08
N SER B 124 -22.62 -12.64 -32.80
CA SER B 124 -21.76 -13.29 -31.83
C SER B 124 -22.29 -14.69 -31.49
N ASP B 125 -21.45 -15.46 -30.80
CA ASP B 125 -21.79 -16.86 -30.49
C ASP B 125 -22.63 -16.87 -29.22
N SER B 126 -23.95 -16.80 -29.39
CA SER B 126 -24.87 -16.82 -28.25
C SER B 126 -24.86 -18.15 -27.51
N GLN B 127 -24.27 -19.19 -28.08
CA GLN B 127 -24.19 -20.47 -27.39
C GLN B 127 -22.99 -20.53 -26.44
N SER B 128 -22.13 -19.53 -26.47
CA SER B 128 -20.93 -19.57 -25.65
C SER B 128 -21.28 -19.46 -24.17
N ASP B 129 -20.51 -20.17 -23.35
CA ASP B 129 -20.66 -20.07 -21.90
C ASP B 129 -19.93 -18.86 -21.32
N PHE B 130 -19.34 -18.02 -22.16
CA PHE B 130 -18.63 -16.83 -21.72
C PHE B 130 -19.19 -15.62 -22.44
N THR B 131 -19.49 -14.57 -21.68
CA THR B 131 -20.07 -13.35 -22.22
C THR B 131 -19.13 -12.17 -21.99
N LEU B 132 -18.88 -11.40 -23.05
CA LEU B 132 -18.29 -10.09 -22.95
C LEU B 132 -19.43 -9.08 -23.06
N HIS B 133 -19.56 -8.22 -22.05
CA HIS B 133 -20.69 -7.29 -21.97
C HIS B 133 -20.16 -5.88 -21.82
N PHE B 134 -20.40 -5.04 -22.83
CA PHE B 134 -20.04 -3.63 -22.81
C PHE B 134 -21.17 -2.82 -22.20
N ILE B 135 -20.84 -1.89 -21.30
CA ILE B 135 -21.80 -0.90 -20.83
C ILE B 135 -21.36 0.47 -21.32
N MET B 136 -22.26 1.18 -21.97
CA MET B 136 -21.97 2.48 -22.58
C MET B 136 -22.89 3.54 -21.97
N GLY B 137 -22.37 4.77 -21.91
CA GLY B 137 -23.13 5.85 -21.32
C GLY B 137 -23.55 5.60 -19.90
N MET B 138 -22.64 5.10 -19.07
CA MET B 138 -22.98 4.82 -17.68
C MET B 138 -23.22 6.12 -16.94
N SER B 139 -24.26 6.10 -16.10
CA SER B 139 -24.66 7.20 -15.24
C SER B 139 -25.87 6.74 -14.43
N LEU B 140 -25.74 6.69 -13.10
CA LEU B 140 -26.83 6.19 -12.28
C LEU B 140 -28.09 7.02 -12.47
N ALA B 141 -27.96 8.34 -12.56
CA ALA B 141 -29.13 9.19 -12.74
C ALA B 141 -29.87 8.86 -14.03
N HIS B 142 -29.14 8.73 -15.14
CA HIS B 142 -29.78 8.41 -16.42
C HIS B 142 -30.42 7.02 -16.38
N GLU B 143 -29.73 6.07 -15.74
CA GLU B 143 -30.26 4.71 -15.62
C GLU B 143 -31.60 4.71 -14.90
N VAL B 144 -31.64 5.37 -13.74
CA VAL B 144 -32.85 5.40 -12.92
C VAL B 144 -33.97 6.11 -13.65
N ILE B 145 -33.66 7.23 -14.32
CA ILE B 145 -34.67 7.95 -15.07
C ILE B 145 -35.25 7.08 -16.17
N GLY B 146 -34.40 6.33 -16.87
CA GLY B 146 -34.90 5.46 -17.92
C GLY B 146 -35.83 4.39 -17.39
N ILE B 147 -35.47 3.79 -16.25
CA ILE B 147 -36.32 2.74 -15.67
C ILE B 147 -37.66 3.32 -15.23
N PHE B 148 -37.62 4.45 -14.51
CA PHE B 148 -38.84 5.11 -14.09
C PHE B 148 -39.75 5.38 -15.29
N ASN B 149 -39.21 6.05 -16.32
CA ASN B 149 -40.02 6.41 -17.47
C ASN B 149 -40.57 5.18 -18.16
N LYS B 150 -39.84 4.06 -18.13
CA LYS B 150 -40.39 2.84 -18.71
C LYS B 150 -41.63 2.38 -17.96
N PHE B 151 -41.58 2.35 -16.62
CA PHE B 151 -42.65 1.72 -15.85
C PHE B 151 -43.69 2.70 -15.29
N ASN B 152 -43.49 3.99 -15.47
CA ASN B 152 -44.36 5.01 -14.88
C ASN B 152 -45.84 4.79 -15.22
N GLY B 153 -46.66 4.67 -14.19
CA GLY B 153 -48.09 4.49 -14.37
C GLY B 153 -48.53 3.15 -14.90
N LYS B 154 -47.60 2.20 -15.09
CA LYS B 154 -47.90 0.91 -15.68
C LYS B 154 -47.82 -0.25 -14.70
N ILE B 155 -47.29 -0.04 -13.50
CA ILE B 155 -47.24 -1.06 -12.47
C ILE B 155 -47.66 -0.44 -11.14
N PRO B 156 -48.14 -1.25 -10.19
CA PRO B 156 -48.53 -0.68 -8.89
C PRO B 156 -47.35 -0.22 -8.07
N ALA B 157 -46.19 -0.84 -8.24
CA ALA B 157 -44.98 -0.52 -7.47
C ALA B 157 -43.79 -1.16 -8.17
N LEU B 158 -42.64 -0.51 -8.04
CA LEU B 158 -41.42 -1.09 -8.58
C LEU B 158 -40.93 -2.15 -7.60
N THR B 159 -40.60 -3.33 -8.12
CA THR B 159 -40.08 -4.39 -7.28
C THR B 159 -38.58 -4.52 -7.50
N GLU B 160 -37.93 -5.19 -6.56
CA GLU B 160 -36.51 -5.48 -6.70
C GLU B 160 -36.25 -6.30 -7.95
N GLU B 161 -37.16 -7.23 -8.27
CA GLU B 161 -37.00 -8.08 -9.45
C GLU B 161 -37.08 -7.26 -10.74
N LEU B 162 -38.06 -6.38 -10.85
CA LEU B 162 -38.16 -5.54 -12.06
C LEU B 162 -36.96 -4.63 -12.20
N LEU B 163 -36.55 -4.00 -11.09
CA LEU B 163 -35.37 -3.14 -11.11
C LEU B 163 -34.15 -3.91 -11.57
N ALA B 164 -33.92 -5.09 -10.99
CA ALA B 164 -32.78 -5.91 -11.38
C ALA B 164 -32.86 -6.28 -12.86
N ALA B 165 -34.07 -6.57 -13.34
CA ALA B 165 -34.27 -6.97 -14.72
C ALA B 165 -34.13 -5.82 -15.70
N ASN B 166 -34.09 -4.58 -15.23
CA ASN B 166 -33.93 -3.45 -16.13
C ASN B 166 -32.68 -2.61 -15.90
N ALA B 167 -31.85 -2.95 -14.91
CA ALA B 167 -30.59 -2.24 -14.70
C ALA B 167 -29.61 -2.48 -15.85
N TYR B 168 -28.70 -1.52 -16.04
CA TYR B 168 -27.70 -1.64 -17.11
C TYR B 168 -26.87 -2.91 -16.97
N VAL B 169 -26.34 -3.17 -15.78
CA VAL B 169 -25.63 -4.41 -15.48
C VAL B 169 -26.68 -5.42 -15.01
N PRO B 170 -26.92 -6.51 -15.75
CA PRO B 170 -28.10 -7.34 -15.49
C PRO B 170 -27.95 -8.32 -14.32
N GLU B 171 -26.85 -8.28 -13.58
CA GLU B 171 -26.69 -9.16 -12.44
C GLU B 171 -25.73 -8.48 -11.47
N PRO B 172 -25.69 -8.90 -10.20
CA PRO B 172 -24.71 -8.34 -9.28
C PRO B 172 -23.29 -8.68 -9.68
N VAL B 173 -22.40 -7.73 -9.50
CA VAL B 173 -20.98 -7.88 -9.84
C VAL B 173 -20.23 -8.40 -8.63
N ASP B 174 -19.43 -9.46 -8.83
CA ASP B 174 -18.61 -10.00 -7.74
C ASP B 174 -17.40 -9.12 -7.48
N PHE B 175 -16.59 -8.89 -8.52
CA PHE B 175 -15.33 -8.18 -8.42
C PHE B 175 -15.29 -7.02 -9.41
N LEU B 176 -14.72 -5.91 -8.98
CA LEU B 176 -14.54 -4.75 -9.84
C LEU B 176 -13.08 -4.31 -9.73
N ILE B 177 -12.43 -4.12 -10.87
CA ILE B 177 -11.03 -3.73 -10.94
C ILE B 177 -10.93 -2.41 -11.70
N ARG B 178 -10.25 -1.44 -11.11
CA ARG B 178 -9.95 -0.19 -11.80
C ARG B 178 -8.45 0.09 -11.73
N PRO B 179 -7.71 -0.14 -12.81
CA PRO B 179 -6.31 0.29 -12.89
C PRO B 179 -6.24 1.80 -13.15
N GLY B 180 -5.02 2.31 -13.24
CA GLY B 180 -4.82 3.69 -13.63
C GLY B 180 -4.68 4.67 -12.49
N GLY B 181 -4.75 4.21 -11.23
CA GLY B 181 -4.36 5.01 -10.09
C GLY B 181 -5.42 5.89 -9.47
N HIS B 182 -6.60 5.98 -10.05
CA HIS B 182 -7.67 6.80 -9.47
C HIS B 182 -8.64 5.93 -8.70
N VAL B 183 -8.90 6.31 -7.45
CA VAL B 183 -9.79 5.56 -6.58
C VAL B 183 -11.11 6.33 -6.54
N ARG B 184 -11.95 6.04 -7.53
CA ARG B 184 -13.23 6.70 -7.76
C ARG B 184 -13.96 5.86 -8.79
N MET B 185 -15.29 6.04 -8.86
CA MET B 185 -16.08 5.26 -9.79
C MET B 185 -16.34 5.99 -11.10
N SER B 186 -16.27 7.31 -11.12
CA SER B 186 -16.35 8.11 -12.35
C SER B 186 -17.57 7.76 -13.19
N SER B 187 -18.73 7.64 -12.55
CA SER B 187 -20.03 7.37 -13.18
C SER B 187 -20.21 5.89 -13.56
N PHE B 188 -19.32 4.99 -13.13
CA PHE B 188 -19.36 3.59 -13.56
C PHE B 188 -19.84 2.63 -12.47
N TYR B 189 -20.35 3.13 -11.36
CA TYR B 189 -20.78 2.24 -10.29
C TYR B 189 -21.95 1.36 -10.74
N PRO B 190 -21.87 0.04 -10.54
CA PRO B 190 -22.95 -0.86 -10.97
C PRO B 190 -24.09 -0.86 -9.95
N LEU B 191 -25.27 -0.45 -10.39
CA LEU B 191 -26.38 -0.11 -9.51
C LEU B 191 -26.75 -1.25 -8.55
N MET B 192 -26.88 -2.47 -9.07
CA MET B 192 -27.44 -3.58 -8.29
C MET B 192 -26.36 -4.49 -7.72
N SER B 193 -25.20 -3.95 -7.36
CA SER B 193 -24.09 -4.74 -6.81
C SER B 193 -23.70 -4.25 -5.42
N PRO B 194 -24.61 -4.34 -4.45
CA PRO B 194 -24.27 -3.89 -3.10
C PRO B 194 -23.12 -4.65 -2.47
N PHE B 195 -22.83 -5.87 -2.91
CA PHE B 195 -21.81 -6.66 -2.23
C PHE B 195 -20.58 -6.88 -3.11
N ALA B 196 -20.39 -6.06 -4.14
CA ALA B 196 -19.20 -6.14 -4.96
C ALA B 196 -17.95 -5.80 -4.15
N GLU B 197 -16.86 -6.51 -4.40
CA GLU B 197 -15.55 -6.16 -3.88
C GLU B 197 -14.79 -5.35 -4.92
N MET B 198 -14.11 -4.29 -4.48
CA MET B 198 -13.37 -3.39 -5.36
C MET B 198 -11.86 -3.55 -5.17
N TYR B 199 -11.14 -3.40 -6.29
CA TYR B 199 -9.69 -3.45 -6.30
C TYR B 199 -9.16 -2.35 -7.20
N PHE B 200 -8.29 -1.50 -6.66
CA PHE B 200 -7.67 -0.40 -7.38
C PHE B 200 -6.17 -0.58 -7.43
N CYS B 201 -5.55 -0.20 -8.55
CA CYS B 201 -4.09 -0.27 -8.61
C CYS B 201 -3.56 0.89 -9.44
N PRO B 202 -2.33 1.34 -9.17
CA PRO B 202 -1.80 2.48 -9.91
C PRO B 202 -1.39 2.13 -11.34
N THR B 203 -1.13 0.86 -11.64
CA THR B 203 -0.68 0.49 -12.98
C THR B 203 -1.66 0.96 -14.03
N LEU B 204 -1.14 1.66 -15.05
CA LEU B 204 -1.96 2.02 -16.19
C LEU B 204 -2.42 0.75 -16.90
N LEU B 205 -3.64 0.79 -17.45
CA LEU B 205 -4.22 -0.41 -18.06
C LEU B 205 -3.26 -1.02 -19.09
N ASN B 206 -2.68 -0.19 -19.95
CA ASN B 206 -1.82 -0.71 -21.00
C ASN B 206 -0.53 -1.33 -20.48
N ASP B 207 -0.20 -1.13 -19.21
CA ASP B 207 0.98 -1.74 -18.60
C ASP B 207 0.65 -3.00 -17.80
N MET B 208 -0.62 -3.34 -17.64
CA MET B 208 -1.00 -4.47 -16.80
CA MET B 208 -0.99 -4.47 -16.79
C MET B 208 -0.55 -5.79 -17.42
N THR B 209 0.18 -6.59 -16.66
CA THR B 209 0.56 -7.94 -17.08
C THR B 209 -0.45 -8.95 -16.55
N ARG B 210 -0.33 -10.19 -17.04
CA ARG B 210 -1.14 -11.28 -16.49
C ARG B 210 -0.86 -11.48 -15.00
N ALA B 211 0.39 -11.27 -14.58
CA ALA B 211 0.70 -11.38 -13.15
C ALA B 211 -0.03 -10.33 -12.34
N ASP B 212 -0.08 -9.09 -12.85
CA ASP B 212 -0.84 -8.03 -12.18
C ASP B 212 -2.30 -8.41 -12.00
N PHE B 213 -2.89 -8.96 -13.05
CA PHE B 213 -4.27 -9.44 -12.98
C PHE B 213 -4.41 -10.55 -11.96
N ASP B 214 -3.47 -11.51 -11.98
CA ASP B 214 -3.53 -12.65 -11.06
C ASP B 214 -3.47 -12.20 -9.60
N VAL B 215 -2.55 -11.27 -9.28
CA VAL B 215 -2.45 -10.84 -7.88
C VAL B 215 -3.68 -10.01 -7.50
N ALA B 216 -4.23 -9.25 -8.45
CA ALA B 216 -5.52 -8.60 -8.21
C ALA B 216 -6.57 -9.63 -7.82
N LEU B 217 -6.62 -10.76 -8.53
CA LEU B 217 -7.59 -11.80 -8.22
C LEU B 217 -7.32 -12.46 -6.88
N GLU B 218 -6.03 -12.63 -6.51
CA GLU B 218 -5.73 -13.15 -5.19
C GLU B 218 -6.29 -12.24 -4.11
N ASP B 219 -6.05 -10.93 -4.24
CA ASP B 219 -6.58 -9.94 -3.32
C ASP B 219 -8.11 -10.06 -3.22
N LEU B 220 -8.79 -10.07 -4.36
CA LEU B 220 -10.25 -10.09 -4.35
C LEU B 220 -10.79 -11.38 -3.75
N ARG B 221 -10.21 -12.52 -4.14
CA ARG B 221 -10.71 -13.82 -3.70
C ARG B 221 -10.38 -14.10 -2.24
N GLU B 222 -9.39 -13.43 -1.68
CA GLU B 222 -8.99 -13.66 -0.29
C GLU B 222 -9.96 -13.05 0.71
N ARG B 223 -10.81 -12.12 0.29
CA ARG B 223 -11.66 -11.41 1.23
C ARG B 223 -12.78 -12.33 1.72
N ASP B 224 -13.74 -12.65 0.87
CA ASP B 224 -14.78 -13.59 1.24
C ASP B 224 -14.39 -15.01 0.84
N MET C 16 23.78 -9.42 -15.15
CA MET C 16 24.15 -10.39 -14.13
C MET C 16 23.62 -9.96 -12.76
N THR C 17 22.61 -10.68 -12.26
CA THR C 17 21.91 -10.31 -11.03
CA THR C 17 21.96 -10.30 -11.02
C THR C 17 21.68 -11.54 -10.17
N ASN C 18 21.55 -11.30 -8.87
CA ASN C 18 21.26 -12.36 -7.90
C ASN C 18 20.04 -11.97 -7.08
N LEU C 19 19.52 -12.94 -6.31
CA LEU C 19 18.30 -12.74 -5.54
C LEU C 19 18.44 -13.40 -4.18
N MET C 20 17.92 -12.76 -3.14
CA MET C 20 17.93 -13.31 -1.79
C MET C 20 16.50 -13.35 -1.25
N LEU C 21 16.14 -14.47 -0.62
CA LEU C 21 14.82 -14.67 -0.03
C LEU C 21 14.98 -14.88 1.48
N LEU C 22 14.12 -14.19 2.23
CA LEU C 22 14.05 -14.27 3.69
C LEU C 22 12.78 -15.04 4.02
N PRO C 23 12.86 -16.36 4.20
CA PRO C 23 11.64 -17.15 4.45
C PRO C 23 11.03 -16.79 5.79
N ASP C 24 9.72 -16.60 5.81
CA ASP C 24 9.08 -16.21 7.06
C ASP C 24 7.62 -16.62 7.03
N GLY C 25 7.10 -16.92 8.21
CA GLY C 25 5.68 -17.14 8.39
C GLY C 25 5.24 -18.57 8.57
N MET C 26 6.15 -19.49 8.90
CA MET C 26 5.76 -20.91 8.99
C MET C 26 4.85 -21.16 10.18
N ARG C 27 5.13 -20.53 11.33
CA ARG C 27 4.28 -20.73 12.50
C ARG C 27 2.87 -20.20 12.28
N ARG C 28 2.77 -18.95 11.80
CA ARG C 28 1.46 -18.38 11.49
C ARG C 28 0.73 -19.19 10.42
N TRP C 29 1.46 -19.75 9.46
CA TRP C 29 0.80 -20.58 8.46
C TRP C 29 0.26 -21.86 9.10
N SER C 30 1.02 -22.44 10.04
CA SER C 30 0.53 -23.64 10.74
C SER C 30 -0.70 -23.34 11.57
N GLN C 31 -0.74 -22.18 12.23
CA GLN C 31 -1.92 -21.82 13.01
C GLN C 31 -3.10 -21.53 12.08
N LYS C 32 -2.84 -20.89 10.96
CA LYS C 32 -3.89 -20.59 9.99
C LYS C 32 -4.51 -21.87 9.43
N GLN C 33 -3.68 -22.89 9.18
CA GLN C 33 -4.18 -24.13 8.62
C GLN C 33 -4.60 -25.14 9.69
N GLY C 34 -4.35 -24.85 10.96
CA GLY C 34 -4.67 -25.79 12.03
C GLY C 34 -3.88 -27.08 11.95
N ILE C 35 -2.62 -27.00 11.52
CA ILE C 35 -1.76 -28.16 11.34
C ILE C 35 -0.52 -27.99 12.20
N SER C 36 0.25 -29.07 12.30
CA SER C 36 1.48 -29.05 13.07
C SER C 36 2.52 -28.16 12.40
N LEU C 37 3.53 -27.80 13.19
CA LEU C 37 4.65 -27.06 12.63
C LEU C 37 5.40 -27.89 11.58
N ASP C 38 5.45 -29.20 11.79
CA ASP C 38 6.10 -30.10 10.83
C ASP C 38 5.45 -29.99 9.45
N ASP C 39 4.11 -30.02 9.41
CA ASP C 39 3.41 -29.95 8.13
C ASP C 39 3.61 -28.61 7.45
N SER C 40 3.63 -27.52 8.24
CA SER C 40 3.91 -26.20 7.67
C SER C 40 5.31 -26.17 7.06
N TYR C 41 6.28 -26.80 7.72
CA TYR C 41 7.63 -26.81 7.17
C TYR C 41 7.75 -27.74 5.97
N ALA C 42 6.92 -28.77 5.87
CA ALA C 42 6.87 -29.57 4.65
C ALA C 42 6.37 -28.74 3.48
N ALA C 43 5.29 -27.97 3.72
CA ALA C 43 4.84 -27.02 2.71
C ALA C 43 5.94 -26.03 2.35
N MET C 44 6.73 -25.62 3.35
CA MET C 44 7.83 -24.70 3.07
C MET C 44 8.86 -25.35 2.15
N THR C 45 9.18 -26.62 2.40
CA THR C 45 10.11 -27.32 1.53
C THR C 45 9.63 -27.29 0.09
N ASP C 46 8.36 -27.69 -0.13
CA ASP C 46 7.81 -27.65 -1.48
C ASP C 46 7.91 -26.25 -2.09
N LYS C 47 7.54 -25.22 -1.30
CA LYS C 47 7.52 -23.87 -1.82
C LYS C 47 8.92 -23.37 -2.16
N LEU C 48 9.92 -23.75 -1.37
CA LEU C 48 11.28 -23.32 -1.63
C LEU C 48 11.87 -24.02 -2.85
N VAL C 49 11.47 -25.27 -3.10
CA VAL C 49 11.86 -25.90 -4.36
C VAL C 49 11.26 -25.13 -5.53
N GLU C 50 9.95 -24.82 -5.44
CA GLU C 50 9.32 -23.97 -6.46
C GLU C 50 10.10 -22.68 -6.66
N PHE C 51 10.35 -21.96 -5.56
CA PHE C 51 11.01 -20.66 -5.61
C PHE C 51 12.39 -20.75 -6.25
N THR C 52 13.15 -21.80 -5.91
CA THR C 52 14.46 -21.98 -6.55
C THR C 52 14.30 -22.14 -8.06
N GLY C 53 13.30 -22.93 -8.49
CA GLY C 53 13.05 -23.03 -9.92
C GLY C 53 12.68 -21.71 -10.56
N TRP C 54 11.82 -20.93 -9.91
CA TRP C 54 11.44 -19.63 -10.43
C TRP C 54 12.66 -18.71 -10.58
N ALA C 55 13.48 -18.63 -9.53
CA ALA C 55 14.67 -17.79 -9.58
C ALA C 55 15.59 -18.21 -10.72
N ARG C 56 15.77 -19.52 -10.90
CA ARG C 56 16.59 -19.99 -12.01
C ARG C 56 16.00 -19.59 -13.35
N GLU C 57 14.67 -19.74 -13.51
CA GLU C 57 14.03 -19.35 -14.75
C GLU C 57 14.20 -17.87 -15.04
N GLU C 58 14.19 -17.04 -14.01
CA GLU C 58 14.30 -15.59 -14.17
C GLU C 58 15.75 -15.13 -14.37
N GLY C 59 16.69 -16.04 -14.54
CA GLY C 59 18.05 -15.69 -14.92
C GLY C 59 18.94 -15.24 -13.80
N PHE C 60 18.51 -15.39 -12.54
CA PHE C 60 19.39 -15.02 -11.44
C PHE C 60 20.57 -15.98 -11.36
N THR C 61 21.75 -15.43 -11.07
CA THR C 61 22.95 -16.26 -11.04
C THR C 61 23.06 -17.03 -9.74
N THR C 62 22.72 -16.41 -8.62
CA THR C 62 22.64 -17.08 -7.33
C THR C 62 21.32 -16.72 -6.66
N PHE C 63 20.70 -17.74 -6.06
CA PHE C 63 19.52 -17.59 -5.22
C PHE C 63 19.99 -17.86 -3.78
N TYR C 64 20.03 -16.82 -2.97
CA TYR C 64 20.40 -16.90 -1.56
C TYR C 64 19.15 -17.10 -0.72
N VAL C 65 19.20 -18.03 0.23
CA VAL C 65 18.11 -18.25 1.17
C VAL C 65 18.66 -18.05 2.57
N THR C 66 18.05 -17.13 3.33
CA THR C 66 18.49 -16.94 4.71
C THR C 66 17.76 -17.98 5.55
N VAL C 67 18.47 -19.05 5.90
CA VAL C 67 17.84 -20.19 6.56
C VAL C 67 17.49 -19.85 8.00
N SER C 68 18.37 -19.11 8.68
CA SER C 68 18.24 -19.00 10.12
C SER C 68 19.11 -17.85 10.62
N SER C 69 18.70 -17.28 11.75
CA SER C 69 19.52 -16.40 12.56
C SER C 69 20.27 -17.22 13.60
N VAL C 70 21.22 -16.58 14.28
CA VAL C 70 21.82 -17.22 15.46
C VAL C 70 20.74 -17.48 16.50
N ALA C 71 19.83 -16.51 16.69
CA ALA C 71 18.79 -16.64 17.71
C ALA C 71 17.91 -17.87 17.48
N ASN C 72 17.66 -18.22 16.22
CA ASN C 72 16.79 -19.35 15.92
C ASN C 72 17.28 -20.64 16.58
N TYR C 73 18.59 -20.78 16.76
CA TYR C 73 19.12 -22.01 17.33
C TYR C 73 18.99 -22.07 18.86
N SER C 74 18.36 -21.07 19.47
CA SER C 74 17.97 -21.18 20.88
C SER C 74 16.53 -21.65 21.06
N ARG C 75 15.81 -21.94 19.98
CA ARG C 75 14.55 -22.64 20.09
C ARG C 75 14.77 -24.07 20.56
N SER C 76 13.68 -24.79 20.83
CA SER C 76 13.80 -26.15 21.32
C SER C 76 14.45 -27.04 20.28
N GLU C 77 15.06 -28.13 20.77
CA GLU C 77 15.72 -29.07 19.86
C GLU C 77 14.75 -29.61 18.81
N GLU C 78 13.49 -29.80 19.21
CA GLU C 78 12.49 -30.32 18.28
C GLU C 78 12.23 -29.35 17.14
N GLN C 79 12.04 -28.07 17.46
CA GLN C 79 11.79 -27.08 16.42
C GLN C 79 13.02 -26.88 15.53
N VAL C 80 14.21 -26.87 16.14
CA VAL C 80 15.43 -26.75 15.35
C VAL C 80 15.55 -27.91 14.36
N THR C 81 15.24 -29.13 14.83
CA THR C 81 15.32 -30.29 13.95
C THR C 81 14.27 -30.22 12.84
N THR C 82 13.04 -29.83 13.18
CA THR C 82 12.00 -29.69 12.16
C THR C 82 12.43 -28.70 11.08
N ALA C 83 12.89 -27.53 11.50
CA ALA C 83 13.29 -26.49 10.55
C ALA C 83 14.49 -26.92 9.71
N MET C 84 15.57 -27.35 10.37
CA MET C 84 16.80 -27.69 9.65
C MET C 84 16.58 -28.86 8.70
N ASN C 85 15.78 -29.85 9.12
CA ASN C 85 15.45 -30.93 8.21
C ASN C 85 14.64 -30.41 7.02
N ALA C 86 13.71 -29.49 7.26
CA ALA C 86 12.91 -28.96 6.16
C ALA C 86 13.77 -28.22 5.14
N PHE C 87 14.71 -27.40 5.61
CA PHE C 87 15.61 -26.70 4.69
C PHE C 87 16.53 -27.67 3.97
N THR C 88 17.07 -28.65 4.70
CA THR C 88 17.96 -29.63 4.09
C THR C 88 17.26 -30.42 2.98
N GLU C 89 15.96 -30.72 3.18
CA GLU C 89 15.22 -31.47 2.17
C GLU C 89 15.16 -30.73 0.84
N VAL C 90 15.11 -29.39 0.87
CA VAL C 90 15.23 -28.61 -0.36
C VAL C 90 16.46 -29.03 -1.14
N VAL C 91 17.60 -29.08 -0.45
CA VAL C 91 18.87 -29.41 -1.07
C VAL C 91 18.88 -30.86 -1.51
N ARG C 92 18.29 -31.75 -0.70
CA ARG C 92 18.18 -33.15 -1.11
C ARG C 92 17.46 -33.25 -2.46
N ARG C 93 16.44 -32.42 -2.67
CA ARG C 93 15.65 -32.53 -3.89
C ARG C 93 16.26 -31.82 -5.10
N CYS C 94 17.05 -30.76 -4.90
CA CYS C 94 17.53 -29.94 -6.01
CA CYS C 94 17.52 -30.02 -6.06
C CYS C 94 19.03 -30.05 -6.26
N HIS C 95 19.80 -30.66 -5.36
CA HIS C 95 21.25 -30.50 -5.38
C HIS C 95 21.90 -31.09 -6.64
N ASP C 96 21.29 -32.10 -7.26
CA ASP C 96 21.96 -32.78 -8.36
C ASP C 96 22.03 -31.92 -9.62
N THR C 97 21.14 -30.95 -9.78
CA THR C 97 21.03 -30.20 -11.02
C THR C 97 21.50 -28.74 -10.88
N LEU C 98 22.07 -28.38 -9.74
CA LEU C 98 22.58 -27.02 -9.54
C LEU C 98 23.81 -27.07 -8.65
N ASN C 99 24.44 -25.90 -8.49
CA ASN C 99 25.58 -25.74 -7.59
C ASN C 99 25.05 -25.29 -6.24
N PHE C 100 25.39 -26.03 -5.18
CA PHE C 100 24.94 -25.71 -3.83
C PHE C 100 26.12 -25.27 -2.99
N ASN C 101 25.91 -24.22 -2.20
CA ASN C 101 26.92 -23.77 -1.25
C ASN C 101 26.22 -23.22 -0.01
N TYR C 102 26.99 -23.00 1.05
CA TYR C 102 26.43 -22.50 2.30
C TYR C 102 27.52 -21.80 3.11
N SER C 103 27.08 -20.99 4.08
CA SER C 103 27.97 -20.20 4.91
C SER C 103 27.19 -19.70 6.11
N GLY C 104 27.89 -19.04 7.05
CA GLY C 104 27.26 -18.39 8.18
C GLY C 104 27.97 -18.70 9.48
N THR C 105 27.24 -18.52 10.59
CA THR C 105 27.79 -18.80 11.92
C THR C 105 27.66 -20.31 12.13
N LEU C 106 28.57 -21.06 11.52
CA LEU C 106 28.39 -22.51 11.44
C LEU C 106 28.52 -23.19 12.80
N GLU C 107 29.24 -22.57 13.75
CA GLU C 107 29.44 -23.25 15.01
C GLU C 107 28.19 -23.29 15.88
N VAL C 108 27.12 -22.56 15.53
CA VAL C 108 25.86 -22.69 16.25
C VAL C 108 24.90 -23.66 15.56
N VAL C 109 25.23 -24.13 14.37
CA VAL C 109 24.40 -25.11 13.68
C VAL C 109 24.75 -26.49 14.20
N PRO C 110 23.77 -27.30 14.60
CA PRO C 110 24.09 -28.67 15.05
C PRO C 110 24.85 -29.43 13.97
N GLU C 111 25.85 -30.19 14.42
CA GLU C 111 26.82 -30.79 13.50
C GLU C 111 26.17 -31.69 12.47
N ARG C 112 25.09 -32.38 12.83
CA ARG C 112 24.44 -33.32 11.91
C ARG C 112 24.03 -32.65 10.61
N TRP C 113 23.49 -31.42 10.70
CA TRP C 113 23.04 -30.71 9.51
C TRP C 113 24.21 -30.22 8.68
N LEU C 114 25.30 -29.80 9.31
CA LEU C 114 26.50 -29.41 8.57
C LEU C 114 27.08 -30.61 7.83
N THR C 115 27.08 -31.78 8.46
CA THR C 115 27.58 -32.98 7.79
C THR C 115 26.73 -33.32 6.58
N GLU C 116 25.41 -33.31 6.72
CA GLU C 116 24.57 -33.65 5.57
C GLU C 116 24.68 -32.60 4.48
N LEU C 117 24.66 -31.32 4.85
CA LEU C 117 24.75 -30.24 3.86
C LEU C 117 26.10 -30.23 3.16
N GLU C 118 27.17 -30.59 3.87
CA GLU C 118 28.48 -30.70 3.24
C GLU C 118 28.50 -31.86 2.23
N ALA C 119 27.91 -32.99 2.60
CA ALA C 119 27.82 -34.10 1.64
C ALA C 119 27.02 -33.69 0.41
N LEU C 120 25.90 -32.99 0.60
CA LEU C 120 25.09 -32.55 -0.53
C LEU C 120 25.83 -31.53 -1.38
N ARG C 121 26.58 -30.62 -0.75
CA ARG C 121 27.39 -29.67 -1.51
C ARG C 121 28.42 -30.40 -2.35
N ALA C 122 29.09 -31.40 -1.78
CA ALA C 122 30.06 -32.18 -2.55
C ALA C 122 29.39 -32.87 -3.73
N LYS C 123 28.15 -33.32 -3.55
CA LYS C 123 27.44 -34.03 -4.61
C LYS C 123 26.77 -33.09 -5.61
N SER C 124 26.80 -31.79 -5.39
CA SER C 124 26.11 -30.86 -6.27
C SER C 124 26.89 -30.67 -7.57
N ASP C 125 26.25 -30.03 -8.55
CA ASP C 125 26.83 -29.82 -9.87
C ASP C 125 27.68 -28.56 -9.81
N SER C 126 28.97 -28.74 -9.54
CA SER C 126 29.89 -27.61 -9.45
C SER C 126 30.05 -26.89 -10.78
N GLN C 127 29.62 -27.50 -11.88
CA GLN C 127 29.64 -26.94 -13.21
C GLN C 127 28.42 -26.08 -13.54
N SER C 128 27.42 -26.06 -12.67
CA SER C 128 26.16 -25.39 -12.98
C SER C 128 26.32 -23.87 -13.07
N ASP C 129 25.55 -23.28 -13.96
CA ASP C 129 25.47 -21.82 -14.06
C ASP C 129 24.51 -21.21 -13.06
N PHE C 130 23.92 -22.02 -12.18
CA PHE C 130 22.98 -21.55 -11.17
C PHE C 130 23.41 -22.08 -9.80
N THR C 131 23.40 -21.20 -8.81
CA THR C 131 23.79 -21.55 -7.44
C THR C 131 22.62 -21.33 -6.49
N LEU C 132 22.35 -22.33 -5.65
CA LEU C 132 21.53 -22.16 -4.46
C LEU C 132 22.49 -22.04 -3.27
N HIS C 133 22.36 -20.96 -2.50
CA HIS C 133 23.29 -20.69 -1.41
C HIS C 133 22.53 -20.44 -0.11
N PHE C 134 22.70 -21.33 0.87
CA PHE C 134 22.09 -21.18 2.18
C PHE C 134 23.00 -20.37 3.10
N ILE C 135 22.43 -19.40 3.82
CA ILE C 135 23.13 -18.74 4.91
C ILE C 135 22.45 -19.13 6.21
N MET C 136 23.23 -19.64 7.16
CA MET C 136 22.72 -20.14 8.42
C MET C 136 23.36 -19.38 9.58
N GLY C 137 22.59 -19.20 10.64
CA GLY C 137 23.09 -18.44 11.77
C GLY C 137 23.48 -17.02 11.42
N MET C 138 22.62 -16.33 10.66
CA MET C 138 22.88 -14.94 10.31
C MET C 138 22.79 -14.05 11.53
N SER C 139 23.73 -13.10 11.62
CA SER C 139 23.77 -12.10 12.67
C SER C 139 24.98 -11.22 12.41
N LEU C 140 24.77 -9.92 12.17
CA LEU C 140 25.90 -9.07 11.85
C LEU C 140 26.91 -9.04 13.00
N ALA C 141 26.44 -8.99 14.25
CA ALA C 141 27.36 -8.98 15.38
C ALA C 141 28.24 -10.23 15.38
N HIS C 142 27.62 -11.41 15.25
CA HIS C 142 28.39 -12.65 15.23
C HIS C 142 29.31 -12.72 14.01
N GLU C 143 28.84 -12.24 12.85
CA GLU C 143 29.66 -12.23 11.65
C GLU C 143 30.92 -11.38 11.86
N VAL C 144 30.75 -10.17 12.38
CA VAL C 144 31.87 -9.26 12.58
C VAL C 144 32.82 -9.79 13.65
N ILE C 145 32.27 -10.32 14.74
CA ILE C 145 33.11 -10.90 15.80
C ILE C 145 33.91 -12.08 15.25
N GLY C 146 33.26 -12.93 14.46
CA GLY C 146 33.96 -14.07 13.88
C GLY C 146 35.09 -13.65 12.97
N ILE C 147 34.87 -12.64 12.12
CA ILE C 147 35.92 -12.18 11.22
C ILE C 147 37.07 -11.56 12.00
N PHE C 148 36.75 -10.69 12.96
CA PHE C 148 37.79 -10.09 13.80
C PHE C 148 38.63 -11.18 14.47
N ASN C 149 37.96 -12.08 15.19
CA ASN C 149 38.67 -13.12 15.93
C ASN C 149 39.47 -14.02 14.99
N LYS C 150 39.00 -14.21 13.76
CA LYS C 150 39.77 -14.99 12.80
C LYS C 150 41.09 -14.28 12.48
N PHE C 151 41.05 -12.97 12.22
CA PHE C 151 42.26 -12.30 11.75
C PHE C 151 43.01 -11.50 12.82
N ASN C 152 42.49 -11.44 14.03
CA ASN C 152 43.07 -10.66 15.12
C ASN C 152 44.54 -10.97 15.33
N GLY C 153 45.40 -9.95 15.19
CA GLY C 153 46.82 -10.12 15.39
C GLY C 153 47.54 -10.90 14.33
N LYS C 154 46.86 -11.29 13.25
CA LYS C 154 47.46 -12.12 12.22
C LYS C 154 47.69 -11.39 10.90
N ILE C 155 47.13 -10.20 10.74
CA ILE C 155 47.36 -9.36 9.56
C ILE C 155 47.60 -7.94 10.02
N PRO C 156 48.31 -7.13 9.23
CA PRO C 156 48.57 -5.75 9.66
C PRO C 156 47.33 -4.87 9.65
N ALA C 157 46.37 -5.15 8.77
CA ALA C 157 45.15 -4.35 8.67
C ALA C 157 44.15 -5.12 7.83
N LEU C 158 42.87 -4.92 8.13
CA LEU C 158 41.80 -5.51 7.34
C LEU C 158 41.51 -4.64 6.12
N THR C 159 41.42 -5.26 4.95
CA THR C 159 41.08 -4.58 3.70
C THR C 159 39.66 -4.92 3.27
N GLU C 160 39.12 -4.09 2.37
CA GLU C 160 37.82 -4.41 1.79
C GLU C 160 37.85 -5.75 1.07
N GLU C 161 38.95 -6.06 0.39
CA GLU C 161 39.04 -7.31 -0.36
C GLU C 161 38.97 -8.52 0.58
N LEU C 162 39.74 -8.48 1.67
CA LEU C 162 39.71 -9.58 2.63
C LEU C 162 38.34 -9.71 3.29
N LEU C 163 37.76 -8.58 3.69
CA LEU C 163 36.43 -8.60 4.29
C LEU C 163 35.40 -9.21 3.36
N ALA C 164 35.38 -8.75 2.11
CA ALA C 164 34.46 -9.29 1.12
C ALA C 164 34.66 -10.79 0.93
N ALA C 165 35.92 -11.24 1.00
CA ALA C 165 36.21 -12.66 0.86
C ALA C 165 35.86 -13.46 2.10
N ASN C 166 35.58 -12.81 3.23
CA ASN C 166 35.22 -13.55 4.43
C ASN C 166 33.80 -13.27 4.94
N ALA C 167 33.05 -12.38 4.29
CA ALA C 167 31.66 -12.16 4.68
C ALA C 167 30.84 -13.40 4.34
N TYR C 168 29.74 -13.57 5.08
CA TYR C 168 28.86 -14.72 4.89
C TYR C 168 28.32 -14.77 3.47
N VAL C 169 27.77 -13.66 3.00
CA VAL C 169 27.27 -13.55 1.63
C VAL C 169 28.45 -13.10 0.76
N PRO C 170 28.88 -13.91 -0.21
CA PRO C 170 30.17 -13.67 -0.87
C PRO C 170 30.16 -12.58 -1.93
N GLU C 171 29.06 -11.87 -2.12
CA GLU C 171 28.98 -10.79 -3.09
C GLU C 171 27.86 -9.85 -2.68
N PRO C 172 27.81 -8.65 -3.25
CA PRO C 172 26.66 -7.78 -3.00
C PRO C 172 25.39 -8.41 -3.55
N VAL C 173 24.30 -8.24 -2.81
CA VAL C 173 22.99 -8.77 -3.18
C VAL C 173 22.23 -7.70 -3.96
N ASP C 174 21.67 -8.06 -5.11
CA ASP C 174 20.91 -7.10 -5.90
C ASP C 174 19.51 -6.89 -5.33
N PHE C 175 18.73 -7.96 -5.22
CA PHE C 175 17.34 -7.92 -4.79
C PHE C 175 17.15 -8.84 -3.61
N LEU C 176 16.34 -8.42 -2.65
CA LEU C 176 15.97 -9.28 -1.53
C LEU C 176 14.48 -9.14 -1.30
N ILE C 177 13.83 -10.27 -1.05
CA ILE C 177 12.38 -10.34 -0.88
C ILE C 177 12.10 -10.91 0.50
N ARG C 178 11.25 -10.23 1.27
CA ARG C 178 10.79 -10.74 2.55
C ARG C 178 9.27 -10.81 2.56
N PRO C 179 8.68 -11.98 2.37
CA PRO C 179 7.25 -12.16 2.58
C PRO C 179 6.96 -12.23 4.07
N GLY C 180 5.68 -12.37 4.41
CA GLY C 180 5.30 -12.59 5.78
C GLY C 180 4.86 -11.37 6.58
N GLY C 181 4.83 -10.20 5.96
CA GLY C 181 4.16 -9.08 6.57
C GLY C 181 4.95 -8.21 7.51
N HIS C 182 6.21 -8.54 7.79
CA HIS C 182 7.04 -7.72 8.68
C HIS C 182 7.98 -6.85 7.83
N VAL C 183 7.97 -5.55 8.10
CA VAL C 183 8.83 -4.62 7.35
C VAL C 183 10.03 -4.30 8.23
N ARG C 184 11.01 -5.20 8.20
CA ARG C 184 12.19 -5.14 9.04
C ARG C 184 13.14 -6.20 8.51
N MET C 185 14.41 -6.05 8.85
CA MET C 185 15.43 -6.98 8.35
C MET C 185 15.88 -8.02 9.37
N SER C 186 15.54 -7.85 10.64
CA SER C 186 15.89 -8.82 11.70
C SER C 186 17.41 -8.99 11.65
N SER C 187 17.93 -10.22 11.68
CA SER C 187 19.37 -10.49 11.67
C SER C 187 19.93 -10.68 10.28
N PHE C 188 19.19 -10.33 9.23
CA PHE C 188 19.47 -10.85 7.89
C PHE C 188 20.01 -9.83 6.91
N TYR C 189 20.34 -8.62 7.34
CA TYR C 189 20.86 -7.65 6.39
C TYR C 189 22.24 -8.11 5.92
N PRO C 190 22.49 -8.16 4.60
CA PRO C 190 23.79 -8.67 4.10
C PRO C 190 24.89 -7.64 4.23
N LEU C 191 25.97 -8.03 4.92
CA LEU C 191 27.01 -7.09 5.33
C LEU C 191 27.54 -6.26 4.17
N MET C 192 27.82 -6.89 3.03
CA MET C 192 28.50 -6.21 1.92
C MET C 192 27.53 -5.78 0.83
N SER C 193 26.28 -5.46 1.18
CA SER C 193 25.24 -5.06 0.23
C SER C 193 24.69 -3.68 0.59
N PRO C 194 25.50 -2.62 0.49
CA PRO C 194 24.98 -1.30 0.87
C PRO C 194 23.78 -0.85 0.04
N PHE C 195 23.67 -1.29 -1.23
CA PHE C 195 22.63 -0.83 -2.13
C PHE C 195 21.67 -1.93 -2.58
N ALA C 196 21.53 -2.99 -1.80
CA ALA C 196 20.53 -4.01 -2.12
C ALA C 196 19.13 -3.40 -2.15
N GLU C 197 18.31 -3.82 -3.09
CA GLU C 197 16.91 -3.40 -3.13
C GLU C 197 16.09 -4.36 -2.30
N MET C 198 15.22 -3.81 -1.45
CA MET C 198 14.41 -4.59 -0.54
C MET C 198 12.96 -4.54 -0.97
N TYR C 199 12.28 -5.67 -0.87
CA TYR C 199 10.87 -5.76 -1.23
C TYR C 199 10.16 -6.57 -0.15
N PHE C 200 9.12 -5.99 0.43
CA PHE C 200 8.35 -6.63 1.49
C PHE C 200 6.93 -6.87 1.00
N CYS C 201 6.34 -8.00 1.38
CA CYS C 201 4.94 -8.24 1.05
C CYS C 201 4.27 -8.98 2.20
N PRO C 202 2.96 -8.78 2.38
CA PRO C 202 2.26 -9.42 3.50
C PRO C 202 2.01 -10.91 3.33
N THR C 203 1.99 -11.41 2.09
CA THR C 203 1.72 -12.82 1.86
C THR C 203 2.72 -13.69 2.60
N LEU C 204 2.21 -14.67 3.35
CA LEU C 204 3.07 -15.67 3.98
C LEU C 204 3.82 -16.46 2.91
N LEU C 205 5.03 -16.90 3.25
CA LEU C 205 5.85 -17.61 2.27
C LEU C 205 5.11 -18.80 1.66
N ASN C 206 4.48 -19.62 2.50
CA ASN C 206 3.82 -20.80 1.96
C ASN C 206 2.61 -20.49 1.09
N ASP C 207 2.14 -19.24 1.08
CA ASP C 207 1.05 -18.82 0.22
C ASP C 207 1.51 -18.11 -1.05
N MET C 208 2.80 -17.86 -1.22
CA MET C 208 3.28 -17.13 -2.38
CA MET C 208 3.26 -17.12 -2.39
C MET C 208 3.11 -17.96 -3.66
N THR C 209 2.57 -17.35 -4.69
CA THR C 209 2.44 -17.96 -6.01
C THR C 209 3.51 -17.41 -6.94
N ARG C 210 3.63 -18.02 -8.12
CA ARG C 210 4.51 -17.48 -9.14
C ARG C 210 4.12 -16.06 -9.53
N ALA C 211 2.82 -15.75 -9.52
CA ALA C 211 2.36 -14.40 -9.82
C ALA C 211 2.89 -13.40 -8.79
N ASP C 212 2.86 -13.77 -7.50
CA ASP C 212 3.41 -12.91 -6.46
C ASP C 212 4.89 -12.63 -6.70
N PHE C 213 5.65 -13.68 -7.04
CA PHE C 213 7.05 -13.50 -7.36
C PHE C 213 7.24 -12.59 -8.57
N ASP C 214 6.43 -12.79 -9.61
CA ASP C 214 6.55 -11.97 -10.82
C ASP C 214 6.27 -10.50 -10.54
N VAL C 215 5.25 -10.19 -9.74
CA VAL C 215 4.94 -8.80 -9.42
CA VAL C 215 4.97 -8.78 -9.46
C VAL C 215 6.05 -8.20 -8.55
N ALA C 216 6.61 -9.01 -7.64
CA ALA C 216 7.78 -8.55 -6.89
C ALA C 216 8.92 -8.17 -7.83
N LEU C 217 9.16 -9.00 -8.86
CA LEU C 217 10.23 -8.69 -9.82
C LEU C 217 9.90 -7.46 -10.65
N GLU C 218 8.62 -7.24 -11.00
CA GLU C 218 8.28 -6.00 -11.67
C GLU C 218 8.67 -4.80 -10.81
N ASP C 219 8.27 -4.82 -9.54
CA ASP C 219 8.61 -3.75 -8.61
C ASP C 219 10.12 -3.56 -8.55
N LEU C 220 10.87 -4.63 -8.30
CA LEU C 220 12.31 -4.55 -8.08
C LEU C 220 13.04 -4.08 -9.34
N ARG C 221 12.67 -4.62 -10.50
CA ARG C 221 13.37 -4.28 -11.73
C ARG C 221 13.03 -2.87 -12.22
N GLU C 222 11.91 -2.30 -11.78
CA GLU C 222 11.54 -0.95 -12.18
C GLU C 222 12.35 0.13 -11.46
N ARG C 223 13.00 -0.21 -10.35
CA ARG C 223 13.63 0.80 -9.52
C ARG C 223 14.90 1.34 -10.14
N ASP C 224 15.10 2.64 -9.94
CA ASP C 224 16.27 3.34 -10.43
C ASP C 224 17.35 3.24 -9.36
N ARG C 225 18.40 2.47 -9.63
CA ARG C 225 19.49 2.27 -8.69
C ARG C 225 20.58 3.32 -8.94
N ARG C 226 20.90 4.11 -7.91
CA ARG C 226 21.82 5.23 -8.07
C ARG C 226 23.12 5.08 -7.28
N TYR C 227 23.17 4.21 -6.26
CA TYR C 227 24.42 3.89 -5.57
C TYR C 227 25.02 5.11 -4.90
N GLY C 228 24.17 5.97 -4.35
CA GLY C 228 24.60 7.16 -3.64
C GLY C 228 25.07 8.31 -4.52
N LEU C 229 24.98 8.17 -5.84
CA LEU C 229 25.39 9.21 -6.77
C LEU C 229 24.18 9.80 -7.47
N TYR C 230 24.42 10.96 -8.17
CA TYR C 230 23.39 11.56 -9.01
C TYR C 230 23.51 11.05 -10.45
N PRO C 231 22.41 11.08 -11.21
CA PRO C 231 22.51 10.81 -12.65
C PRO C 231 23.53 11.75 -13.29
N VAL C 232 24.42 11.17 -14.10
CA VAL C 232 25.57 11.91 -14.62
C VAL C 232 25.15 13.04 -15.55
N MET D 16 12.55 4.80 27.01
CA MET D 16 13.83 5.23 26.46
C MET D 16 13.92 4.86 24.98
N THR D 17 13.21 5.60 24.13
CA THR D 17 13.06 5.27 22.73
C THR D 17 13.91 6.18 21.84
N ASN D 18 14.20 5.71 20.63
CA ASN D 18 14.99 6.50 19.70
C ASN D 18 14.41 6.34 18.29
N LEU D 19 14.83 7.23 17.40
CA LEU D 19 14.31 7.29 16.04
C LEU D 19 15.45 7.62 15.10
N MET D 20 15.53 6.92 13.98
CA MET D 20 16.53 7.17 12.95
CA MET D 20 16.53 7.14 12.95
C MET D 20 15.84 7.56 11.65
N LEU D 21 16.31 8.65 11.05
CA LEU D 21 15.73 9.18 9.82
C LEU D 21 16.76 9.16 8.71
N LEU D 22 16.34 8.68 7.53
CA LEU D 22 17.16 8.65 6.32
C LEU D 22 16.62 9.70 5.37
N PRO D 23 17.12 10.94 5.41
CA PRO D 23 16.58 12.00 4.54
C PRO D 23 16.89 11.72 3.07
N ASP D 24 15.90 11.86 2.21
CA ASP D 24 16.07 11.54 0.80
C ASP D 24 15.07 12.33 -0.04
N GLY D 25 15.47 12.63 -1.26
CA GLY D 25 14.61 13.24 -2.25
C GLY D 25 14.87 14.70 -2.56
N MET D 26 16.04 15.23 -2.20
CA MET D 26 16.29 16.67 -2.36
C MET D 26 16.45 17.05 -3.83
N ARG D 27 17.15 16.23 -4.61
CA ARG D 27 17.32 16.53 -6.04
C ARG D 27 15.98 16.52 -6.76
N ARG D 28 15.21 15.46 -6.53
CA ARG D 28 13.89 15.34 -7.14
C ARG D 28 12.98 16.48 -6.69
N TRP D 29 13.08 16.91 -5.43
CA TRP D 29 12.27 18.02 -4.98
C TRP D 29 12.68 19.32 -5.65
N SER D 30 13.98 19.51 -5.89
CA SER D 30 14.41 20.69 -6.64
C SER D 30 13.84 20.69 -8.05
N GLN D 31 13.79 19.50 -8.68
CA GLN D 31 13.19 19.41 -10.01
C GLN D 31 11.68 19.65 -9.97
N LYS D 32 11.00 19.13 -8.95
CA LYS D 32 9.56 19.32 -8.80
C LYS D 32 9.21 20.78 -8.61
N GLN D 33 9.99 21.50 -7.81
CA GLN D 33 9.69 22.89 -7.51
C GLN D 33 10.31 23.87 -8.48
N GLY D 34 11.15 23.40 -9.41
CA GLY D 34 11.83 24.30 -10.33
C GLY D 34 12.82 25.25 -9.68
N ILE D 35 13.55 24.78 -8.66
CA ILE D 35 14.50 25.60 -7.94
C ILE D 35 15.87 24.92 -7.97
N SER D 36 16.88 25.64 -7.50
CA SER D 36 18.22 25.11 -7.46
C SER D 36 18.32 23.98 -6.43
N LEU D 37 19.38 23.18 -6.55
CA LEU D 37 19.67 22.17 -5.54
C LEU D 37 19.95 22.82 -4.18
N ASP D 38 20.60 23.99 -4.21
CA ASP D 38 20.86 24.71 -2.97
C ASP D 38 19.56 25.10 -2.26
N ASP D 39 18.58 25.59 -3.01
CA ASP D 39 17.31 25.97 -2.40
C ASP D 39 16.58 24.75 -1.86
N SER D 40 16.62 23.62 -2.57
CA SER D 40 16.02 22.39 -2.06
C SER D 40 16.70 21.94 -0.77
N TYR D 41 18.02 22.06 -0.68
CA TYR D 41 18.69 21.67 0.56
C TYR D 41 18.44 22.68 1.68
N ALA D 42 18.17 23.95 1.34
CA ALA D 42 17.73 24.89 2.37
C ALA D 42 16.37 24.50 2.92
N ALA D 43 15.46 24.11 2.02
CA ALA D 43 14.20 23.53 2.47
C ALA D 43 14.43 22.30 3.34
N MET D 44 15.45 21.51 3.00
CA MET D 44 15.78 20.35 3.83
C MET D 44 16.22 20.77 5.23
N THR D 45 17.05 21.81 5.32
CA THR D 45 17.45 22.32 6.63
C THR D 45 16.23 22.69 7.47
N ASP D 46 15.32 23.49 6.89
CA ASP D 46 14.10 23.85 7.60
C ASP D 46 13.32 22.61 8.04
N LYS D 47 13.15 21.66 7.12
CA LYS D 47 12.34 20.48 7.42
C LYS D 47 12.98 19.63 8.50
N LEU D 48 14.31 19.55 8.51
CA LEU D 48 15.00 18.75 9.51
C LEU D 48 14.96 19.40 10.88
N VAL D 49 14.95 20.74 10.94
CA VAL D 49 14.71 21.40 12.22
C VAL D 49 13.31 21.07 12.73
N GLU D 50 12.32 21.15 11.84
CA GLU D 50 10.96 20.72 12.18
C GLU D 50 10.96 19.30 12.73
N PHE D 51 11.57 18.37 11.98
CA PHE D 51 11.60 16.96 12.34
C PHE D 51 12.24 16.76 13.71
N THR D 52 13.32 17.48 13.99
CA THR D 52 13.96 17.40 15.31
C THR D 52 12.99 17.80 16.41
N GLY D 53 12.25 18.91 16.19
CA GLY D 53 11.25 19.29 17.17
C GLY D 53 10.16 18.25 17.34
N TRP D 54 9.68 17.67 16.23
CA TRP D 54 8.65 16.63 16.30
C TRP D 54 9.14 15.43 17.10
N ALA D 55 10.33 14.93 16.78
CA ALA D 55 10.88 13.79 17.50
C ALA D 55 11.02 14.11 18.99
N ARG D 56 11.46 15.31 19.33
CA ARG D 56 11.56 15.68 20.73
C ARG D 56 10.20 15.71 21.41
N GLU D 57 9.19 16.27 20.75
CA GLU D 57 7.84 16.30 21.30
C GLU D 57 7.28 14.91 21.52
N GLU D 58 7.64 13.96 20.64
CA GLU D 58 7.16 12.60 20.73
C GLU D 58 7.92 11.76 21.75
N GLY D 59 8.82 12.37 22.52
CA GLY D 59 9.46 11.69 23.63
C GLY D 59 10.66 10.84 23.29
N PHE D 60 11.17 10.90 22.06
CA PHE D 60 12.38 10.16 21.74
C PHE D 60 13.56 10.78 22.46
N THR D 61 14.45 9.92 22.97
CA THR D 61 15.62 10.41 23.69
C THR D 61 16.73 10.82 22.74
N THR D 62 16.91 10.07 21.65
CA THR D 62 17.87 10.41 20.61
C THR D 62 17.21 10.35 19.24
N PHE D 63 17.50 11.35 18.42
CA PHE D 63 17.08 11.41 17.03
C PHE D 63 18.33 11.25 16.16
N TYR D 64 18.46 10.12 15.49
CA TYR D 64 19.59 9.85 14.60
C TYR D 64 19.26 10.30 13.19
N VAL D 65 20.16 11.06 12.58
CA VAL D 65 20.01 11.51 11.20
C VAL D 65 21.21 11.05 10.41
N THR D 66 20.96 10.32 9.32
CA THR D 66 22.03 9.84 8.46
C THR D 66 22.39 10.94 7.47
N VAL D 67 23.54 11.57 7.70
CA VAL D 67 23.96 12.72 6.88
C VAL D 67 24.49 12.27 5.53
N SER D 68 25.24 11.18 5.50
CA SER D 68 25.97 10.82 4.29
C SER D 68 26.45 9.38 4.39
N SER D 69 26.52 8.73 3.24
CA SER D 69 27.25 7.49 3.06
C SER D 69 28.66 7.79 2.56
N VAL D 70 29.52 6.79 2.57
CA VAL D 70 30.81 6.95 1.90
C VAL D 70 30.59 7.23 0.42
N ALA D 71 29.61 6.56 -0.20
CA ALA D 71 29.34 6.76 -1.61
C ALA D 71 28.96 8.21 -1.91
N ASN D 72 28.23 8.85 -0.99
CA ASN D 72 27.80 10.23 -1.22
C ASN D 72 28.97 11.18 -1.46
N TYR D 73 30.13 10.90 -0.89
CA TYR D 73 31.26 11.81 -1.06
C TYR D 73 31.96 11.63 -2.40
N SER D 74 31.46 10.74 -3.26
CA SER D 74 31.88 10.69 -4.65
C SER D 74 30.92 11.43 -5.57
N ARG D 75 29.90 12.10 -5.01
CA ARG D 75 29.19 13.10 -5.78
C ARG D 75 30.13 14.27 -6.07
N SER D 76 29.65 15.21 -6.86
CA SER D 76 30.51 16.34 -7.23
C SER D 76 30.86 17.18 -6.00
N GLU D 77 31.98 17.89 -6.08
CA GLU D 77 32.40 18.73 -4.96
C GLU D 77 31.31 19.74 -4.59
N GLU D 78 30.61 20.26 -5.60
CA GLU D 78 29.57 21.24 -5.35
C GLU D 78 28.38 20.62 -4.63
N GLN D 79 27.95 19.42 -5.05
CA GLN D 79 26.84 18.73 -4.40
C GLN D 79 27.20 18.33 -2.97
N VAL D 80 28.44 17.86 -2.75
CA VAL D 80 28.88 17.54 -1.40
C VAL D 80 28.86 18.78 -0.52
N THR D 81 29.33 19.92 -1.03
CA THR D 81 29.33 21.14 -0.24
C THR D 81 27.90 21.59 0.08
N THR D 82 26.99 21.50 -0.90
CA THR D 82 25.60 21.86 -0.67
C THR D 82 24.99 21.02 0.45
N ALA D 83 25.13 19.70 0.36
CA ALA D 83 24.52 18.82 1.36
C ALA D 83 25.13 19.04 2.74
N MET D 84 26.46 19.00 2.82
CA MET D 84 27.13 19.12 4.11
C MET D 84 26.82 20.45 4.77
N ASN D 85 26.76 21.53 3.99
CA ASN D 85 26.41 22.81 4.59
C ASN D 85 24.98 22.80 5.10
N ALA D 86 24.04 22.19 4.36
CA ALA D 86 22.65 22.18 4.81
C ALA D 86 22.47 21.39 6.12
N PHE D 87 23.10 20.21 6.22
CA PHE D 87 23.03 19.46 7.47
C PHE D 87 23.67 20.23 8.60
N THR D 88 24.87 20.79 8.34
CA THR D 88 25.56 21.55 9.38
C THR D 88 24.72 22.73 9.84
N GLU D 89 24.01 23.38 8.91
CA GLU D 89 23.14 24.50 9.27
C GLU D 89 22.04 24.04 10.22
N VAL D 90 21.54 22.81 10.04
CA VAL D 90 20.66 22.26 11.08
C VAL D 90 21.31 22.36 12.45
N VAL D 91 22.58 21.93 12.54
CA VAL D 91 23.22 21.96 13.85
C VAL D 91 23.46 23.39 14.33
N ARG D 92 23.83 24.29 13.40
CA ARG D 92 24.01 25.70 13.77
C ARG D 92 22.75 26.24 14.42
N ARG D 93 21.58 25.82 13.93
CA ARG D 93 20.33 26.38 14.43
C ARG D 93 19.84 25.73 15.72
N CYS D 94 20.19 24.47 15.99
CA CYS D 94 19.61 23.81 17.16
CA CYS D 94 19.63 23.76 17.14
C CYS D 94 20.60 23.50 18.29
N HIS D 95 21.91 23.64 18.05
CA HIS D 95 22.90 23.13 19.01
C HIS D 95 22.73 23.72 20.40
N ASP D 96 22.20 24.94 20.51
CA ASP D 96 22.14 25.59 21.81
C ASP D 96 21.07 25.01 22.72
N THR D 97 20.05 24.35 22.18
CA THR D 97 18.91 23.88 22.98
C THR D 97 18.84 22.36 23.09
N LEU D 98 19.81 21.63 22.57
CA LEU D 98 19.82 20.18 22.68
C LEU D 98 21.26 19.70 22.77
N ASN D 99 21.43 18.40 22.98
CA ASN D 99 22.75 17.78 22.99
C ASN D 99 23.04 17.28 21.58
N PHE D 100 24.19 17.67 21.03
CA PHE D 100 24.57 17.25 19.70
C PHE D 100 25.75 16.29 19.76
N ASN D 101 25.69 15.21 18.99
CA ASN D 101 26.81 14.31 18.86
C ASN D 101 26.85 13.78 17.43
N TYR D 102 27.99 13.18 17.07
CA TYR D 102 28.14 12.66 15.72
C TYR D 102 29.16 11.53 15.72
N SER D 103 29.17 10.76 14.64
CA SER D 103 30.04 9.60 14.48
C SER D 103 30.04 9.20 13.01
N GLY D 104 30.88 8.21 12.67
CA GLY D 104 30.90 7.64 11.35
C GLY D 104 32.32 7.53 10.83
N THR D 105 32.45 7.40 9.50
CA THR D 105 33.75 7.31 8.85
C THR D 105 34.29 8.72 8.64
N LEU D 106 34.87 9.27 9.71
CA LEU D 106 35.21 10.69 9.71
C LEU D 106 36.30 11.02 8.70
N GLU D 107 37.12 10.05 8.31
CA GLU D 107 38.23 10.34 7.40
C GLU D 107 37.75 10.75 6.01
N VAL D 108 36.52 10.39 5.61
CA VAL D 108 35.99 10.82 4.31
C VAL D 108 35.20 12.11 4.38
N VAL D 109 34.96 12.66 5.56
CA VAL D 109 34.26 13.94 5.66
C VAL D 109 35.28 15.06 5.46
N PRO D 110 35.01 16.04 4.59
CA PRO D 110 35.95 17.16 4.41
C PRO D 110 36.17 17.88 5.75
N GLU D 111 37.44 18.21 6.01
CA GLU D 111 37.84 18.65 7.35
C GLU D 111 37.10 19.92 7.77
N ARG D 112 36.72 20.78 6.82
CA ARG D 112 35.94 21.97 7.13
C ARG D 112 34.71 21.63 7.97
N TRP D 113 33.96 20.60 7.53
CA TRP D 113 32.74 20.24 8.23
C TRP D 113 33.03 19.54 9.55
N LEU D 114 34.08 18.71 9.61
CA LEU D 114 34.43 18.07 10.87
C LEU D 114 34.84 19.09 11.92
N THR D 115 35.58 20.12 11.51
CA THR D 115 35.97 21.16 12.45
C THR D 115 34.75 21.90 12.98
N GLU D 116 33.84 22.30 12.06
CA GLU D 116 32.67 23.04 12.54
C GLU D 116 31.75 22.18 13.39
N LEU D 117 31.49 20.94 12.97
CA LEU D 117 30.61 20.06 13.72
C LEU D 117 31.21 19.68 15.06
N GLU D 118 32.54 19.58 15.15
CA GLU D 118 33.19 19.34 16.42
C GLU D 118 33.01 20.52 17.36
N ALA D 119 33.20 21.75 16.86
CA ALA D 119 32.97 22.92 17.70
C ALA D 119 31.52 22.98 18.16
N LEU D 120 30.58 22.69 17.25
CA LEU D 120 29.16 22.71 17.61
C LEU D 120 28.83 21.64 18.64
N ARG D 121 29.43 20.45 18.51
CA ARG D 121 29.24 19.43 19.53
C ARG D 121 29.72 19.91 20.90
N ALA D 122 30.92 20.50 20.93
CA ALA D 122 31.47 20.95 22.21
C ALA D 122 30.60 22.02 22.86
N LYS D 123 30.05 22.94 22.07
CA LYS D 123 29.25 23.99 22.68
C LYS D 123 27.77 23.65 22.83
N SER D 124 27.33 22.44 22.46
CA SER D 124 25.91 22.10 22.56
C SER D 124 25.52 21.89 24.02
N ASP D 125 24.21 21.76 24.26
CA ASP D 125 23.69 21.65 25.63
C ASP D 125 23.76 20.20 26.07
N SER D 126 24.88 19.85 26.71
CA SER D 126 25.11 18.50 27.21
C SER D 126 24.14 18.12 28.33
N GLN D 127 23.44 19.09 28.92
CA GLN D 127 22.46 18.79 29.96
C GLN D 127 21.09 18.44 29.39
N SER D 128 20.90 18.54 28.09
CA SER D 128 19.60 18.30 27.50
C SER D 128 19.21 16.82 27.64
N ASP D 129 17.92 16.58 27.84
CA ASP D 129 17.41 15.22 27.83
C ASP D 129 17.14 14.72 26.43
N PHE D 130 17.46 15.53 25.40
CA PHE D 130 17.23 15.17 24.01
C PHE D 130 18.54 15.31 23.25
N THR D 131 18.87 14.31 22.43
CA THR D 131 20.10 14.30 21.66
C THR D 131 19.79 14.23 20.17
N LEU D 132 20.42 15.10 19.39
CA LEU D 132 20.51 14.98 17.94
C LEU D 132 21.87 14.39 17.59
N HIS D 133 21.86 13.29 16.84
CA HIS D 133 23.09 12.56 16.54
C HIS D 133 23.21 12.37 15.03
N PHE D 134 24.22 12.98 14.43
CA PHE D 134 24.52 12.82 13.01
C PHE D 134 25.44 11.63 12.80
N ILE D 135 25.14 10.81 11.80
CA ILE D 135 26.08 9.77 11.36
C ILE D 135 26.53 10.12 9.95
N MET D 136 27.84 10.19 9.74
CA MET D 136 28.42 10.61 8.48
C MET D 136 29.32 9.51 7.91
N GLY D 137 29.39 9.44 6.59
CA GLY D 137 30.17 8.39 5.94
C GLY D 137 29.75 6.99 6.31
N MET D 138 28.45 6.73 6.35
CA MET D 138 27.96 5.40 6.72
C MET D 138 28.34 4.37 5.67
N SER D 139 28.75 3.20 6.15
CA SER D 139 29.11 2.06 5.32
C SER D 139 29.54 0.94 6.23
N LEU D 140 28.83 -0.19 6.22
CA LEU D 140 29.15 -1.28 7.14
C LEU D 140 30.58 -1.78 6.94
N ALA D 141 31.01 -1.93 5.68
CA ALA D 141 32.37 -2.38 5.42
C ALA D 141 33.40 -1.45 6.05
N HIS D 142 33.24 -0.14 5.85
CA HIS D 142 34.17 0.82 6.44
C HIS D 142 34.12 0.80 7.96
N GLU D 143 32.92 0.68 8.52
CA GLU D 143 32.76 0.63 9.97
C GLU D 143 33.50 -0.57 10.55
N VAL D 144 33.30 -1.74 9.93
CA VAL D 144 33.93 -2.97 10.40
C VAL D 144 35.44 -2.89 10.27
N ILE D 145 35.94 -2.37 9.14
CA ILE D 145 37.38 -2.24 8.92
C ILE D 145 37.99 -1.30 9.95
N GLY D 146 37.32 -0.18 10.23
CA GLY D 146 37.84 0.74 11.24
C GLY D 146 37.91 0.11 12.62
N ILE D 147 36.88 -0.64 13.01
CA ILE D 147 36.90 -1.30 14.32
C ILE D 147 38.03 -2.32 14.38
N PHE D 148 38.15 -3.17 13.35
CA PHE D 148 39.25 -4.14 13.31
C PHE D 148 40.59 -3.44 13.47
N ASN D 149 40.87 -2.47 12.60
CA ASN D 149 42.17 -1.81 12.64
C ASN D 149 42.42 -1.13 13.97
N LYS D 150 41.37 -0.63 14.63
CA LYS D 150 41.55 -0.04 15.95
C LYS D 150 42.01 -1.08 16.97
N PHE D 151 41.35 -2.24 17.02
CA PHE D 151 41.60 -3.20 18.08
C PHE D 151 42.52 -4.34 17.69
N ASN D 152 42.96 -4.39 16.44
CA ASN D 152 43.78 -5.50 15.94
C ASN D 152 44.99 -5.74 16.83
N GLY D 153 45.09 -6.96 17.35
CA GLY D 153 46.21 -7.36 18.18
C GLY D 153 46.24 -6.76 19.57
N LYS D 154 45.23 -5.99 19.95
CA LYS D 154 45.22 -5.27 21.21
C LYS D 154 44.22 -5.81 22.23
N ILE D 155 43.36 -6.75 21.83
CA ILE D 155 42.44 -7.43 22.74
C ILE D 155 42.50 -8.91 22.42
N PRO D 156 42.15 -9.78 23.37
CA PRO D 156 42.18 -11.21 23.08
C PRO D 156 41.09 -11.65 22.11
N ALA D 157 39.95 -10.95 22.08
CA ALA D 157 38.85 -11.30 21.20
C ALA D 157 37.86 -10.15 21.21
N LEU D 158 37.17 -9.96 20.10
CA LEU D 158 36.12 -8.95 20.05
C LEU D 158 34.86 -9.54 20.68
N THR D 159 34.25 -8.77 21.58
CA THR D 159 33.02 -9.14 22.26
C THR D 159 31.86 -8.31 21.75
N GLU D 160 30.64 -8.78 22.02
CA GLU D 160 29.47 -7.99 21.67
C GLU D 160 29.48 -6.63 22.36
N GLU D 161 29.98 -6.58 23.60
CA GLU D 161 30.02 -5.33 24.34
C GLU D 161 30.98 -4.32 23.70
N LEU D 162 32.18 -4.77 23.33
CA LEU D 162 33.15 -3.87 22.69
C LEU D 162 32.62 -3.38 21.34
N LEU D 163 32.07 -4.29 20.54
CA LEU D 163 31.50 -3.91 19.25
C LEU D 163 30.40 -2.87 19.44
N ALA D 164 29.48 -3.12 20.37
CA ALA D 164 28.42 -2.16 20.65
C ALA D 164 28.98 -0.82 21.10
N ALA D 165 30.05 -0.83 21.88
CA ALA D 165 30.64 0.42 22.35
C ALA D 165 31.41 1.14 21.25
N ASN D 166 31.70 0.48 20.12
CA ASN D 166 32.45 1.13 19.06
C ASN D 166 31.73 1.24 17.72
N ALA D 167 30.51 0.74 17.61
CA ALA D 167 29.74 0.95 16.39
C ALA D 167 29.38 2.42 16.23
N TYR D 168 29.16 2.83 14.98
CA TYR D 168 28.82 4.22 14.68
C TYR D 168 27.57 4.65 15.44
N VAL D 169 26.52 3.85 15.37
CA VAL D 169 25.29 4.10 16.13
C VAL D 169 25.44 3.44 17.49
N PRO D 170 25.46 4.21 18.59
CA PRO D 170 25.89 3.68 19.89
C PRO D 170 24.85 2.88 20.65
N GLU D 171 23.69 2.59 20.06
CA GLU D 171 22.67 1.80 20.71
C GLU D 171 21.82 1.15 19.63
N PRO D 172 21.01 0.16 19.99
CA PRO D 172 20.06 -0.38 19.02
C PRO D 172 19.03 0.67 18.66
N VAL D 173 18.66 0.71 17.39
CA VAL D 173 17.66 1.65 16.89
C VAL D 173 16.29 0.99 16.98
N ASP D 174 15.32 1.71 17.56
CA ASP D 174 13.95 1.21 17.62
C ASP D 174 13.26 1.33 16.27
N PHE D 175 13.21 2.55 15.74
CA PHE D 175 12.45 2.86 14.52
C PHE D 175 13.36 3.52 13.49
N LEU D 176 13.15 3.18 12.22
CA LEU D 176 13.87 3.77 11.11
C LEU D 176 12.86 4.20 10.08
N ILE D 177 12.98 5.44 9.60
CA ILE D 177 12.07 6.02 8.61
C ILE D 177 12.89 6.46 7.42
N ARG D 178 12.48 6.04 6.22
CA ARG D 178 13.09 6.52 4.98
C ARG D 178 11.97 7.05 4.07
N PRO D 179 11.83 8.36 3.96
CA PRO D 179 10.95 8.94 2.94
C PRO D 179 11.64 8.89 1.58
N GLY D 180 10.94 9.38 0.56
CA GLY D 180 11.54 9.53 -0.74
C GLY D 180 11.30 8.39 -1.71
N GLY D 181 10.57 7.36 -1.31
CA GLY D 181 10.05 6.36 -2.22
C GLY D 181 10.96 5.19 -2.52
N HIS D 182 12.20 5.19 -2.03
CA HIS D 182 13.11 4.07 -2.27
C HIS D 182 13.18 3.15 -1.07
N VAL D 183 13.01 1.86 -1.33
CA VAL D 183 13.01 0.84 -0.28
C VAL D 183 14.36 0.13 -0.32
N ARG D 184 15.34 0.72 0.35
CA ARG D 184 16.73 0.27 0.37
C ARG D 184 17.42 1.06 1.46
N MET D 185 18.57 0.54 1.92
CA MET D 185 19.28 1.21 3.00
C MET D 185 20.39 2.13 2.50
N SER D 186 20.89 1.91 1.29
CA SER D 186 21.84 2.82 0.65
C SER D 186 23.06 3.14 1.52
N SER D 187 23.56 2.13 2.23
CA SER D 187 24.75 2.16 3.11
CA SER D 187 24.74 2.16 3.11
C SER D 187 24.40 2.67 4.51
N PHE D 188 23.12 2.90 4.82
CA PHE D 188 22.73 3.50 6.09
C PHE D 188 22.22 2.49 7.12
N TYR D 189 22.34 1.19 6.89
CA TYR D 189 21.84 0.22 7.84
C TYR D 189 22.61 0.30 9.17
N PRO D 190 21.91 0.37 10.31
CA PRO D 190 22.58 0.46 11.62
C PRO D 190 23.00 -0.92 12.11
N LEU D 191 24.32 -1.07 12.31
CA LEU D 191 24.94 -2.39 12.52
C LEU D 191 24.30 -3.17 13.67
N MET D 192 24.09 -2.52 14.81
CA MET D 192 23.69 -3.22 16.04
C MET D 192 22.19 -3.14 16.30
N SER D 193 21.34 -3.16 15.27
CA SER D 193 19.90 -3.05 15.44
C SER D 193 19.14 -4.25 14.87
N PRO D 194 19.33 -5.45 15.43
CA PRO D 194 18.60 -6.62 14.92
C PRO D 194 17.09 -6.54 15.08
N PHE D 195 16.57 -5.71 16.00
CA PHE D 195 15.14 -5.63 16.24
C PHE D 195 14.56 -4.29 15.79
N ALA D 196 15.26 -3.56 14.94
CA ALA D 196 14.73 -2.32 14.40
C ALA D 196 13.52 -2.58 13.51
N GLU D 197 12.52 -1.71 13.62
CA GLU D 197 11.39 -1.69 12.69
C GLU D 197 11.61 -0.61 11.63
N MET D 198 11.33 -0.93 10.39
CA MET D 198 11.53 -0.03 9.26
C MET D 198 10.20 0.46 8.69
N TYR D 199 10.19 1.72 8.27
CA TYR D 199 9.03 2.36 7.67
C TYR D 199 9.50 3.16 6.47
N PHE D 200 8.91 2.89 5.31
CA PHE D 200 9.21 3.58 4.07
C PHE D 200 7.96 4.28 3.56
N CYS D 201 8.12 5.46 2.99
CA CYS D 201 6.98 6.15 2.39
C CYS D 201 7.42 6.88 1.13
N PRO D 202 6.53 7.04 0.17
CA PRO D 202 6.92 7.69 -1.09
C PRO D 202 7.10 9.18 -0.98
N THR D 203 6.51 9.83 0.02
CA THR D 203 6.60 11.29 0.15
C THR D 203 8.05 11.74 0.18
N LEU D 204 8.39 12.73 -0.65
CA LEU D 204 9.72 13.34 -0.56
C LEU D 204 9.88 14.03 0.79
N LEU D 205 11.11 14.01 1.31
CA LEU D 205 11.36 14.55 2.65
C LEU D 205 10.82 15.97 2.79
N ASN D 206 11.11 16.83 1.80
CA ASN D 206 10.69 18.22 1.91
C ASN D 206 9.18 18.41 1.85
N ASP D 207 8.43 17.37 1.49
CA ASP D 207 6.98 17.41 1.47
C ASP D 207 6.35 16.78 2.71
N MET D 208 7.15 16.21 3.62
CA MET D 208 6.61 15.55 4.79
CA MET D 208 6.58 15.55 4.78
C MET D 208 5.99 16.56 5.75
N THR D 209 4.76 16.30 6.17
CA THR D 209 4.07 17.10 7.16
C THR D 209 4.17 16.43 8.52
N ARG D 210 3.75 17.15 9.56
CA ARG D 210 3.68 16.55 10.88
C ARG D 210 2.72 15.37 10.90
N ALA D 211 1.64 15.44 10.12
CA ALA D 211 0.70 14.32 10.04
C ALA D 211 1.37 13.09 9.43
N ASP D 212 2.15 13.28 8.36
CA ASP D 212 2.86 12.16 7.75
C ASP D 212 3.77 11.48 8.77
N PHE D 213 4.48 12.29 9.56
CA PHE D 213 5.33 11.77 10.63
C PHE D 213 4.51 11.00 11.65
N ASP D 214 3.39 11.57 12.08
CA ASP D 214 2.55 10.93 13.08
C ASP D 214 2.03 9.58 12.61
N VAL D 215 1.56 9.49 11.36
CA VAL D 215 1.03 8.19 10.91
C VAL D 215 2.16 7.18 10.71
N ALA D 216 3.36 7.67 10.34
CA ALA D 216 4.53 6.79 10.34
C ALA D 216 4.77 6.21 11.72
N LEU D 217 4.65 7.04 12.76
CA LEU D 217 4.86 6.56 14.13
C LEU D 217 3.75 5.62 14.57
N GLU D 218 2.51 5.87 14.15
CA GLU D 218 1.45 4.91 14.46
C GLU D 218 1.77 3.56 13.87
N ASP D 219 2.17 3.54 12.60
CA ASP D 219 2.55 2.30 11.94
C ASP D 219 3.65 1.59 12.71
N LEU D 220 4.74 2.31 13.04
CA LEU D 220 5.87 1.70 13.71
C LEU D 220 5.51 1.20 15.10
N ARG D 221 4.80 2.01 15.88
CA ARG D 221 4.47 1.65 17.26
C ARG D 221 3.43 0.55 17.33
N GLU D 222 2.66 0.34 16.27
CA GLU D 222 1.61 -0.68 16.31
C GLU D 222 2.18 -2.09 16.20
N ARG D 223 3.42 -2.24 15.73
CA ARG D 223 4.02 -3.54 15.48
C ARG D 223 4.51 -4.22 16.75
N ASP D 224 4.51 -3.55 17.88
CA ASP D 224 4.99 -4.15 19.12
C ASP D 224 3.88 -4.89 19.85
#